data_6E3K
#
_entry.id   6E3K
#
_cell.length_a   78.284
_cell.length_b   151.464
_cell.length_c   211.301
_cell.angle_alpha   90.00
_cell.angle_beta   90.00
_cell.angle_gamma   90.00
#
_symmetry.space_group_name_H-M   'P 21 21 21'
#
loop_
_entity.id
_entity.type
_entity.pdbx_description
1 polymer 'Interferon gamma'
2 polymer 'Interferon gamma receptor 1'
3 polymer 'Interferon gamma receptor 2'
4 branched 2-acetamido-2-deoxy-beta-D-glucopyranose-(1-4)-2-acetamido-2-deoxy-beta-D-glucopyranose
5 branched alpha-D-mannopyranose-(1-3)-[alpha-D-mannopyranose-(1-6)]beta-D-mannopyranose-(1-4)-2-acetamido-2-deoxy-beta-D-glucopyranose-(1-4)-2-acetamido-2-deoxy-beta-D-glucopyranose
6 non-polymer 2-acetamido-2-deoxy-beta-D-glucopyranose
7 non-polymer 1,2-ETHANEDIOL
8 non-polymer CYSTEINE
9 water water
#
loop_
_entity_poly.entity_id
_entity_poly.type
_entity_poly.pdbx_seq_one_letter_code
_entity_poly.pdbx_strand_id
1 'polypeptide(L)'
;GPGSQDPYVKEAENLKKYFNAGHSDVADNGTLFLGILKNWKEESDRKIMQSQIVSFYFKLFKNFKDDQSIQKSVETIKED
MNVKFFNSNKKKRDDFEKLTNYSVTDLNVQRKAIHELIQVMAELSPAAKTGKRKRSQAAAHHHHHHHH
;
A,B
2 'polypeptide(L)'
;GSEMGTADLGPSSVPTPTNVTIESYNMNPIVYWEYQIMPQVPVFTVEVKNYGVKNSEWIDACINISHHYCNISDHVGDPS
NSLWVRVKARVGQKESAYAKSEEFAVCRDGKIGPPKLDIRKEEKQIMIDIFHPSVFVNGDEQEVDYDPETICYIRVYNVY
VRKNGSEIKYKILTQNEDDCDEIRCQLAIPVSSLNSQYCVSAEGVLNVWGVTTEKSKEVCITIFNSSIKGSAAAHHHHHH
HH
;
C,D
3 'polypeptide(L)'
;GSSQLPAPQHPKIRLYNAEQVLSWEPVALSNSTRPVVYQVQFKYTDSKWFTADIMSIGVNCTQITATECDFTAASPSAGF
PMDFNVTLRLRAELGALHSAWVTMPWFQHYRNVTVGPPENIEVTPGEGSLIIRFSSPFDIADTSTAFFCYYVHYWEKGGI
QQVKGPFRSNSISLDNLKPSRVYCLQVQAQLLWNKSNIFRVGHLSNISCYETMADASTELQQAAAHHHHHHHH
;
E,I
#
# COMPACT_ATOMS: atom_id res chain seq x y z
N GLY A 3 -18.39 5.53 -25.78
CA GLY A 3 -19.07 6.66 -25.17
C GLY A 3 -18.36 7.19 -23.94
N SER A 4 -18.93 6.94 -22.77
CA SER A 4 -18.32 7.36 -21.51
C SER A 4 -17.47 6.21 -21.00
N GLN A 5 -16.15 6.39 -21.08
CA GLN A 5 -15.20 5.40 -20.63
C GLN A 5 -13.93 6.14 -20.24
N ASP A 6 -13.18 5.58 -19.29
CA ASP A 6 -11.97 6.24 -18.84
C ASP A 6 -11.05 6.50 -20.02
N PRO A 7 -10.31 7.61 -20.04
CA PRO A 7 -9.57 8.00 -21.24
C PRO A 7 -8.50 7.00 -21.67
N TYR A 8 -8.09 6.08 -20.80
CA TYR A 8 -7.04 5.13 -21.18
C TYR A 8 -7.53 4.10 -22.18
N VAL A 9 -8.79 3.70 -22.09
CA VAL A 9 -9.29 2.60 -22.92
C VAL A 9 -9.10 2.90 -24.40
N LYS A 10 -9.55 4.08 -24.85
CA LYS A 10 -9.37 4.47 -26.24
C LYS A 10 -7.90 4.46 -26.64
N GLU A 11 -7.02 4.97 -25.77
CA GLU A 11 -5.61 5.10 -26.10
C GLU A 11 -4.84 3.80 -25.90
N ALA A 12 -5.27 2.95 -24.96
CA ALA A 12 -4.59 1.69 -24.71
C ALA A 12 -4.76 0.73 -25.89
N GLU A 13 -5.97 0.61 -26.43
CA GLU A 13 -6.19 -0.27 -27.57
C GLU A 13 -5.64 0.29 -28.87
N ASN A 14 -5.36 1.59 -28.92
CA ASN A 14 -4.61 2.12 -30.05
C ASN A 14 -3.17 1.63 -30.00
N LEU A 15 -2.56 1.61 -28.81
CA LEU A 15 -1.23 1.03 -28.66
C LEU A 15 -1.23 -0.46 -28.94
N LYS A 16 -2.33 -1.17 -28.63
CA LYS A 16 -2.42 -2.59 -28.96
C LYS A 16 -2.27 -2.82 -30.46
N LYS A 17 -2.89 -1.98 -31.28
CA LYS A 17 -2.75 -2.11 -32.71
C LYS A 17 -1.34 -1.76 -33.17
N TYR A 18 -0.74 -0.73 -32.54
CA TYR A 18 0.60 -0.31 -32.90
C TYR A 18 1.63 -1.37 -32.54
N PHE A 19 1.44 -2.06 -31.42
CA PHE A 19 2.33 -3.11 -30.97
C PHE A 19 1.88 -4.50 -31.39
N ASN A 20 0.80 -4.60 -32.16
CA ASN A 20 0.23 -5.89 -32.56
C ASN A 20 -0.05 -6.77 -31.34
N ALA A 21 -0.54 -6.15 -30.27
CA ALA A 21 -0.92 -6.87 -29.06
C ALA A 21 -2.27 -7.56 -29.18
N GLY A 22 -2.93 -7.43 -30.33
CA GLY A 22 -4.19 -8.10 -30.59
C GLY A 22 -4.08 -9.44 -31.26
N HIS A 23 -2.88 -9.86 -31.62
CA HIS A 23 -2.66 -11.15 -32.26
C HIS A 23 -2.81 -12.28 -31.25
N SER A 24 -3.22 -13.46 -31.74
CA SER A 24 -3.43 -14.60 -30.87
C SER A 24 -2.16 -15.13 -30.22
N ASP A 25 -0.99 -14.71 -30.71
CA ASP A 25 0.27 -15.19 -30.14
C ASP A 25 0.59 -14.54 -28.79
N VAL A 26 -0.10 -13.45 -28.44
CA VAL A 26 0.16 -12.81 -27.15
C VAL A 26 -0.34 -13.67 -26.00
N ALA A 27 -1.32 -14.53 -26.24
CA ALA A 27 -1.86 -15.37 -25.18
C ALA A 27 -0.86 -16.38 -24.64
N ASP A 28 0.18 -16.69 -25.41
CA ASP A 28 1.15 -17.70 -24.98
C ASP A 28 1.95 -17.21 -23.78
N ASN A 29 2.50 -18.18 -23.05
CA ASN A 29 3.40 -17.92 -21.93
C ASN A 29 2.69 -17.16 -20.80
N GLY A 30 1.49 -17.62 -20.45
CA GLY A 30 0.80 -17.13 -19.27
C GLY A 30 0.57 -15.64 -19.29
N THR A 31 0.62 -15.02 -18.12
CA THR A 31 0.45 -13.60 -17.97
C THR A 31 1.63 -12.99 -17.22
N LEU A 32 1.85 -11.70 -17.47
CA LEU A 32 2.84 -10.97 -16.66
C LEU A 32 2.18 -10.48 -15.37
N PHE A 33 1.22 -9.58 -15.49
CA PHE A 33 0.67 -8.83 -14.38
C PHE A 33 -0.70 -9.34 -13.91
N LEU A 34 -1.57 -9.73 -14.84
CA LEU A 34 -2.95 -10.04 -14.47
C LEU A 34 -3.04 -11.20 -13.50
N GLY A 35 -2.24 -12.25 -13.73
CA GLY A 35 -2.29 -13.40 -12.85
C GLY A 35 -1.85 -13.08 -11.43
N ILE A 36 -0.76 -12.33 -11.29
CA ILE A 36 -0.26 -11.96 -9.97
C ILE A 36 -1.26 -11.08 -9.25
N LEU A 37 -1.81 -10.08 -9.94
CA LEU A 37 -2.68 -9.09 -9.31
C LEU A 37 -3.94 -9.72 -8.73
N LYS A 38 -4.35 -10.88 -9.21
CA LYS A 38 -5.52 -11.55 -8.65
C LYS A 38 -5.20 -12.30 -7.37
N ASN A 39 -3.91 -12.52 -7.07
CA ASN A 39 -3.53 -13.21 -5.85
C ASN A 39 -3.60 -12.31 -4.61
N TRP A 40 -3.55 -10.99 -4.79
CA TRP A 40 -3.45 -10.03 -3.69
C TRP A 40 -4.66 -9.11 -3.72
N LYS A 41 -5.56 -9.27 -2.74
CA LYS A 41 -6.74 -8.43 -2.64
C LYS A 41 -6.57 -7.31 -1.62
N GLU A 42 -5.64 -7.43 -0.68
CA GLU A 42 -5.41 -6.40 0.32
C GLU A 42 -4.60 -5.25 -0.28
N GLU A 43 -5.08 -4.01 -0.06
CA GLU A 43 -4.52 -2.87 -0.79
C GLU A 43 -3.04 -2.70 -0.50
N SER A 44 -2.60 -2.98 0.73
CA SER A 44 -1.18 -2.93 1.05
C SER A 44 -0.40 -3.88 0.16
N ASP A 45 -0.89 -5.12 0.00
CA ASP A 45 -0.25 -6.07 -0.90
C ASP A 45 -0.37 -5.63 -2.35
N ARG A 46 -1.52 -5.06 -2.74
CA ARG A 46 -1.70 -4.64 -4.12
C ARG A 46 -0.71 -3.54 -4.50
N LYS A 47 -0.61 -2.51 -3.67
CA LYS A 47 0.26 -1.37 -3.98
C LYS A 47 1.73 -1.79 -4.05
N ILE A 48 2.11 -2.84 -3.33
CA ILE A 48 3.47 -3.37 -3.46
C ILE A 48 3.70 -3.89 -4.87
N MET A 49 2.74 -4.66 -5.39
CA MET A 49 2.86 -5.23 -6.73
C MET A 49 2.62 -4.19 -7.79
N GLN A 50 1.56 -3.40 -7.64
CA GLN A 50 1.21 -2.38 -8.62
C GLN A 50 2.34 -1.37 -8.81
N SER A 51 3.07 -1.05 -7.73
CA SER A 51 4.18 -0.12 -7.84
C SER A 51 5.22 -0.62 -8.83
N GLN A 52 5.55 -1.91 -8.79
CA GLN A 52 6.50 -2.47 -9.75
C GLN A 52 5.90 -2.52 -11.15
N ILE A 53 4.60 -2.74 -11.26
CA ILE A 53 3.96 -2.75 -12.57
C ILE A 53 3.92 -1.35 -13.17
N VAL A 54 3.56 -0.35 -12.35
CA VAL A 54 3.52 1.02 -12.83
C VAL A 54 4.91 1.50 -13.24
N SER A 55 5.93 1.15 -12.46
CA SER A 55 7.29 1.49 -12.85
C SER A 55 7.67 0.83 -14.18
N PHE A 56 7.14 -0.37 -14.44
CA PHE A 56 7.45 -1.06 -15.69
C PHE A 56 6.87 -0.32 -16.89
N TYR A 57 5.60 0.10 -16.80
CA TYR A 57 4.98 0.79 -17.92
C TYR A 57 5.65 2.12 -18.19
N PHE A 58 5.99 2.85 -17.12
CA PHE A 58 6.72 4.11 -17.31
C PHE A 58 8.06 3.85 -18.00
N LYS A 59 8.74 2.77 -17.63
CA LYS A 59 9.99 2.40 -18.30
C LYS A 59 9.73 2.09 -19.78
N LEU A 60 8.68 1.33 -20.06
CA LEU A 60 8.35 0.98 -21.44
C LEU A 60 8.04 2.23 -22.26
N PHE A 61 7.22 3.12 -21.72
CA PHE A 61 6.88 4.35 -22.43
C PHE A 61 8.11 5.21 -22.67
N LYS A 62 9.07 5.18 -21.74
CA LYS A 62 10.26 6.02 -21.89
C LYS A 62 11.08 5.60 -23.12
N ASN A 63 11.10 4.31 -23.45
CA ASN A 63 11.84 3.85 -24.62
C ASN A 63 11.18 4.29 -25.92
N PHE A 64 9.86 4.41 -25.93
CA PHE A 64 9.12 4.80 -27.13
C PHE A 64 8.75 6.27 -27.12
N LYS A 65 9.53 7.10 -26.41
CA LYS A 65 9.25 8.52 -26.39
C LYS A 65 9.51 9.20 -27.72
N ASP A 66 10.17 8.52 -28.65
CA ASP A 66 10.48 9.09 -29.95
C ASP A 66 9.45 8.76 -31.02
N ASP A 67 8.63 7.72 -30.81
CA ASP A 67 7.57 7.38 -31.76
C ASP A 67 6.42 8.39 -31.68
N GLN A 68 6.46 9.40 -32.54
CA GLN A 68 5.43 10.44 -32.53
C GLN A 68 4.05 9.91 -32.91
N SER A 69 3.96 8.70 -33.46
CA SER A 69 2.66 8.13 -33.80
C SER A 69 1.82 7.89 -32.55
N ILE A 70 2.46 7.52 -31.45
CA ILE A 70 1.76 7.08 -30.25
C ILE A 70 1.95 8.05 -29.07
N GLN A 71 2.60 9.19 -29.31
CA GLN A 71 2.90 10.09 -28.19
C GLN A 71 1.63 10.57 -27.50
N LYS A 72 0.59 10.87 -28.27
CA LYS A 72 -0.67 11.28 -27.66
C LYS A 72 -1.23 10.17 -26.80
N SER A 73 -1.30 8.96 -27.34
CA SER A 73 -1.84 7.84 -26.58
C SER A 73 -0.97 7.53 -25.36
N VAL A 74 0.34 7.63 -25.51
CA VAL A 74 1.23 7.26 -24.40
C VAL A 74 1.02 8.21 -23.23
N GLU A 75 1.18 9.52 -23.47
CA GLU A 75 1.10 10.48 -22.37
C GLU A 75 -0.31 10.66 -21.83
N THR A 76 -1.33 10.34 -22.62
CA THR A 76 -2.69 10.30 -22.08
C THR A 76 -2.82 9.20 -21.03
N ILE A 77 -2.26 8.02 -21.30
CA ILE A 77 -2.27 6.94 -20.32
C ILE A 77 -1.44 7.34 -19.11
N LYS A 78 -0.34 8.05 -19.33
CA LYS A 78 0.49 8.50 -18.22
C LYS A 78 -0.30 9.40 -17.28
N GLU A 79 -1.08 10.33 -17.83
CA GLU A 79 -1.87 11.21 -16.97
C GLU A 79 -2.94 10.43 -16.21
N ASP A 80 -3.58 9.47 -16.88
CA ASP A 80 -4.58 8.67 -16.19
C ASP A 80 -3.95 7.82 -15.09
N MET A 81 -2.70 7.40 -15.29
CA MET A 81 -1.98 6.75 -14.19
C MET A 81 -1.67 7.74 -13.08
N ASN A 82 -1.28 8.96 -13.46
CA ASN A 82 -1.04 10.00 -12.46
C ASN A 82 -2.31 10.27 -11.66
N VAL A 83 -3.47 10.02 -12.24
CA VAL A 83 -4.75 10.23 -11.56
C VAL A 83 -5.14 9.00 -10.74
N LYS A 84 -5.08 7.82 -11.35
CA LYS A 84 -5.56 6.62 -10.67
C LYS A 84 -4.61 6.11 -9.61
N PHE A 85 -3.30 6.09 -9.88
CA PHE A 85 -2.34 5.47 -8.98
C PHE A 85 -1.75 6.45 -7.97
N PHE A 86 -1.44 7.66 -8.40
CA PHE A 86 -0.84 8.68 -7.55
C PHE A 86 -1.87 9.66 -7.00
N ASN A 87 -3.15 9.48 -7.33
CA ASN A 87 -4.24 10.32 -6.82
C ASN A 87 -4.01 11.79 -7.15
N SER A 88 -3.44 12.04 -8.33
CA SER A 88 -3.14 13.39 -8.83
C SER A 88 -2.22 14.16 -7.88
N ASN A 89 -1.48 13.46 -7.03
CA ASN A 89 -0.52 14.08 -6.12
C ASN A 89 0.81 14.24 -6.85
N LYS A 90 1.14 15.46 -7.25
CA LYS A 90 2.36 15.69 -8.02
C LYS A 90 3.59 15.31 -7.21
N LYS A 91 3.57 15.58 -5.91
CA LYS A 91 4.68 15.19 -5.05
C LYS A 91 4.84 13.67 -5.02
N LYS A 92 3.72 12.94 -4.92
CA LYS A 92 3.77 11.48 -4.98
C LYS A 92 4.36 11.01 -6.30
N ARG A 93 3.95 11.63 -7.40
CA ARG A 93 4.49 11.27 -8.71
C ARG A 93 5.98 11.58 -8.79
N ASP A 94 6.40 12.72 -8.25
CA ASP A 94 7.79 13.12 -8.37
C ASP A 94 8.68 12.26 -7.47
N ASP A 95 8.22 11.95 -6.25
CA ASP A 95 8.98 11.06 -5.38
C ASP A 95 9.13 9.68 -6.00
N PHE A 96 8.06 9.17 -6.61
CA PHE A 96 8.13 7.89 -7.31
C PHE A 96 9.15 7.95 -8.45
N GLU A 97 9.12 9.04 -9.23
CA GLU A 97 10.05 9.17 -10.35
C GLU A 97 11.50 9.25 -9.88
N LYS A 98 11.75 9.86 -8.71
CA LYS A 98 13.10 9.96 -8.20
C LYS A 98 13.65 8.58 -7.86
N LEU A 99 12.88 7.77 -7.14
CA LEU A 99 13.35 6.46 -6.69
C LEU A 99 13.76 5.60 -7.88
N THR A 100 13.00 5.66 -8.97
CA THR A 100 13.27 4.83 -10.13
C THR A 100 14.58 5.21 -10.81
N ASN A 101 14.83 6.52 -10.96
CA ASN A 101 15.98 6.99 -11.71
C ASN A 101 17.31 6.72 -10.99
N TYR A 102 17.29 6.22 -9.76
CA TYR A 102 18.52 5.92 -9.05
C TYR A 102 19.29 4.81 -9.75
N SER A 103 20.56 5.07 -10.06
CA SER A 103 21.42 4.09 -10.69
C SER A 103 22.03 3.17 -9.64
N VAL A 104 21.87 1.86 -9.81
CA VAL A 104 22.40 0.89 -8.87
C VAL A 104 23.89 0.64 -9.07
N THR A 105 24.48 1.19 -10.13
CA THR A 105 25.91 1.07 -10.38
C THR A 105 26.68 2.34 -10.04
N ASP A 106 25.98 3.44 -9.79
CA ASP A 106 26.64 4.66 -9.34
C ASP A 106 27.25 4.43 -7.98
N LEU A 107 28.59 4.53 -7.90
CA LEU A 107 29.28 4.21 -6.66
C LEU A 107 28.80 5.07 -5.50
N ASN A 108 28.50 6.36 -5.77
CA ASN A 108 28.02 7.24 -4.73
C ASN A 108 26.63 6.82 -4.24
N VAL A 109 25.80 6.29 -5.14
CA VAL A 109 24.43 5.94 -4.76
C VAL A 109 24.41 4.74 -3.81
N GLN A 110 25.22 3.72 -4.11
CA GLN A 110 25.20 2.52 -3.28
C GLN A 110 25.76 2.78 -1.89
N ARG A 111 26.76 3.66 -1.77
CA ARG A 111 27.26 4.02 -0.45
C ARG A 111 26.16 4.67 0.39
N LYS A 112 25.38 5.57 -0.22
CA LYS A 112 24.27 6.19 0.51
C LYS A 112 23.16 5.20 0.82
N ALA A 113 22.90 4.27 -0.10
CA ALA A 113 21.89 3.24 0.14
C ALA A 113 22.28 2.34 1.31
N ILE A 114 23.55 1.92 1.35
CA ILE A 114 24.04 1.12 2.47
C ILE A 114 23.97 1.90 3.76
N HIS A 115 24.18 3.22 3.70
CA HIS A 115 24.09 4.06 4.89
C HIS A 115 22.65 4.14 5.38
N GLU A 116 21.72 4.48 4.49
CA GLU A 116 20.33 4.65 4.89
C GLU A 116 19.62 3.33 5.15
N LEU A 117 20.27 2.20 4.89
CA LEU A 117 19.62 0.89 5.01
C LEU A 117 19.02 0.68 6.39
N ILE A 118 19.77 1.06 7.44
CA ILE A 118 19.32 0.78 8.80
C ILE A 118 17.98 1.44 9.06
N GLN A 119 17.89 2.76 8.81
CA GLN A 119 16.65 3.49 9.07
C GLN A 119 15.53 3.13 8.10
N VAL A 120 15.85 2.60 6.91
CA VAL A 120 14.82 2.09 6.02
C VAL A 120 14.18 0.83 6.59
N MET A 121 15.01 -0.13 7.01
CA MET A 121 14.51 -1.35 7.64
C MET A 121 13.70 -1.06 8.90
N ALA A 122 14.00 0.05 9.57
CA ALA A 122 13.34 0.37 10.84
C ALA A 122 11.85 0.60 10.65
N GLU A 123 11.45 1.11 9.49
CA GLU A 123 10.05 1.43 9.23
C GLU A 123 9.49 0.65 8.05
N LEU A 124 10.08 -0.50 7.72
CA LEU A 124 9.49 -1.37 6.70
C LEU A 124 8.19 -1.98 7.18
N SER A 125 8.13 -2.39 8.44
CA SER A 125 6.91 -2.96 8.99
C SER A 125 5.88 -1.87 9.29
N PRO A 126 4.59 -2.22 9.31
CA PRO A 126 3.57 -1.23 9.63
C PRO A 126 3.61 -0.83 11.09
N ALA A 127 3.13 0.38 11.37
CA ALA A 127 3.06 0.88 12.74
C ALA A 127 2.04 0.09 13.55
N GLY B 3 22.80 -5.07 22.96
CA GLY B 3 22.12 -6.22 23.52
C GLY B 3 21.15 -6.88 22.55
N SER B 4 19.86 -6.69 22.80
CA SER B 4 18.81 -7.24 21.95
C SER B 4 18.42 -6.22 20.89
N GLN B 5 18.74 -6.51 19.65
CA GLN B 5 18.41 -5.64 18.52
C GLN B 5 18.19 -6.53 17.31
N ASP B 6 17.32 -6.08 16.41
CA ASP B 6 16.94 -6.85 15.24
C ASP B 6 18.18 -7.26 14.46
N PRO B 7 18.18 -8.45 13.85
CA PRO B 7 19.42 -8.99 13.26
C PRO B 7 19.98 -8.14 12.13
N TYR B 8 19.19 -7.25 11.53
CA TYR B 8 19.70 -6.46 10.41
C TYR B 8 20.71 -5.42 10.87
N VAL B 9 20.52 -4.87 12.07
CA VAL B 9 21.39 -3.80 12.57
C VAL B 9 22.83 -4.27 12.59
N LYS B 10 23.08 -5.44 13.18
CA LYS B 10 24.44 -5.98 13.23
C LYS B 10 25.02 -6.13 11.83
N GLU B 11 24.23 -6.65 10.89
CA GLU B 11 24.76 -6.92 9.56
C GLU B 11 24.77 -5.66 8.69
N ALA B 12 23.86 -4.72 8.92
CA ALA B 12 23.83 -3.51 8.12
C ALA B 12 25.05 -2.64 8.38
N GLU B 13 25.45 -2.49 9.64
CA GLU B 13 26.65 -1.72 9.91
C GLU B 13 27.91 -2.48 9.51
N ASN B 14 27.81 -3.80 9.31
CA ASN B 14 28.94 -4.53 8.73
C ASN B 14 29.12 -4.17 7.27
N LEU B 15 28.02 -4.09 6.52
CA LEU B 15 28.08 -3.60 5.15
C LEU B 15 28.48 -2.13 5.10
N LYS B 16 28.10 -1.36 6.13
CA LYS B 16 28.49 0.05 6.20
C LYS B 16 30.00 0.20 6.16
N LYS B 17 30.72 -0.66 6.87
CA LYS B 17 32.18 -0.58 6.87
C LYS B 17 32.75 -1.09 5.55
N TYR B 18 32.16 -2.13 4.97
CA TYR B 18 32.69 -2.69 3.73
C TYR B 18 32.59 -1.70 2.58
N PHE B 19 31.52 -0.92 2.53
CA PHE B 19 31.34 0.07 1.48
C PHE B 19 31.86 1.44 1.85
N ASN B 20 32.49 1.59 3.01
CA ASN B 20 32.93 2.89 3.52
C ASN B 20 31.78 3.89 3.55
N ALA B 21 30.60 3.41 3.97
CA ALA B 21 29.41 4.24 4.13
C ALA B 21 29.42 5.04 5.43
N GLY B 22 30.46 4.91 6.24
CA GLY B 22 30.61 5.70 7.44
C GLY B 22 31.42 6.97 7.27
N HIS B 23 31.96 7.21 6.08
CA HIS B 23 32.73 8.41 5.82
C HIS B 23 31.82 9.62 5.74
N SER B 24 32.37 10.79 6.07
CA SER B 24 31.59 12.03 6.06
C SER B 24 31.14 12.44 4.67
N ASP B 25 31.68 11.81 3.62
CA ASP B 25 31.31 12.18 2.27
C ASP B 25 29.93 11.68 1.86
N VAL B 26 29.36 10.72 2.59
CA VAL B 26 28.04 10.22 2.23
C VAL B 26 26.95 11.24 2.53
N ALA B 27 27.19 12.17 3.46
CA ALA B 27 26.19 13.16 3.81
C ALA B 27 25.88 14.11 2.67
N ASP B 28 26.79 14.24 1.71
CA ASP B 28 26.58 15.16 0.59
C ASP B 28 25.44 14.68 -0.29
N ASN B 29 24.84 15.63 -1.01
CA ASN B 29 23.84 15.34 -2.03
C ASN B 29 22.59 14.69 -1.43
N GLY B 30 22.13 15.26 -0.31
CA GLY B 30 20.84 14.94 0.30
C GLY B 30 20.69 13.46 0.64
N THR B 31 19.47 12.97 0.53
CA THR B 31 19.14 11.58 0.82
C THR B 31 18.43 10.94 -0.36
N LEU B 32 18.54 9.61 -0.45
CA LEU B 32 17.77 8.87 -1.45
C LEU B 32 16.38 8.56 -0.91
N PHE B 33 16.33 7.73 0.14
CA PHE B 33 15.09 7.14 0.63
C PHE B 33 14.55 7.82 1.88
N LEU B 34 15.42 8.25 2.79
CA LEU B 34 14.94 8.74 4.08
C LEU B 34 14.08 9.98 3.90
N GLY B 35 14.49 10.90 3.04
CA GLY B 35 13.73 12.13 2.87
C GLY B 35 12.34 11.88 2.29
N ILE B 36 12.27 11.03 1.25
CA ILE B 36 10.99 10.73 0.61
C ILE B 36 10.04 10.02 1.57
N LEU B 37 10.56 9.03 2.30
CA LEU B 37 9.73 8.22 3.18
C LEU B 37 9.06 9.04 4.28
N LYS B 38 9.63 10.19 4.62
CA LYS B 38 9.00 11.03 5.64
C LYS B 38 7.82 11.83 5.09
N ASN B 39 7.70 11.92 3.75
CA ASN B 39 6.57 12.62 3.16
C ASN B 39 5.29 11.79 3.16
N TRP B 40 5.40 10.46 3.23
CA TRP B 40 4.26 9.58 3.05
C TRP B 40 4.05 8.77 4.33
N LYS B 41 3.01 9.12 5.08
CA LYS B 41 2.68 8.41 6.32
C LYS B 41 1.58 7.38 6.15
N GLU B 42 0.75 7.48 5.11
CA GLU B 42 -0.30 6.51 4.88
C GLU B 42 0.30 5.24 4.26
N GLU B 43 -0.07 4.07 4.82
CA GLU B 43 0.60 2.83 4.46
C GLU B 43 0.49 2.54 2.97
N SER B 44 -0.65 2.89 2.36
CA SER B 44 -0.78 2.72 0.91
C SER B 44 0.30 3.51 0.17
N ASP B 45 0.51 4.77 0.55
CA ASP B 45 1.57 5.55 -0.07
C ASP B 45 2.94 4.98 0.27
N ARG B 46 3.12 4.51 1.51
CA ARG B 46 4.41 3.97 1.92
C ARG B 46 4.77 2.73 1.10
N LYS B 47 3.84 1.79 0.99
CA LYS B 47 4.11 0.55 0.26
C LYS B 47 4.43 0.82 -1.20
N ILE B 48 3.87 1.90 -1.77
CA ILE B 48 4.22 2.27 -3.13
C ILE B 48 5.69 2.66 -3.21
N MET B 49 6.16 3.48 -2.26
CA MET B 49 7.55 3.90 -2.26
C MET B 49 8.48 2.79 -1.78
N GLN B 50 8.12 2.13 -0.69
CA GLN B 50 8.98 1.09 -0.14
C GLN B 50 9.22 -0.03 -1.15
N SER B 51 8.22 -0.34 -1.98
CA SER B 51 8.40 -1.36 -3.01
C SER B 51 9.55 -0.99 -3.93
N GLN B 52 9.62 0.27 -4.36
CA GLN B 52 10.73 0.71 -5.21
C GLN B 52 12.05 0.69 -4.47
N ILE B 53 12.03 0.99 -3.17
CA ILE B 53 13.25 0.95 -2.38
C ILE B 53 13.68 -0.50 -2.14
N VAL B 54 12.74 -1.37 -1.78
CA VAL B 54 13.07 -2.77 -1.55
C VAL B 54 13.58 -3.42 -2.84
N SER B 55 12.94 -3.12 -3.97
CA SER B 55 13.43 -3.64 -5.24
C SER B 55 14.83 -3.13 -5.53
N PHE B 56 15.17 -1.91 -5.10
CA PHE B 56 16.49 -1.37 -5.34
C PHE B 56 17.56 -2.16 -4.58
N TYR B 57 17.31 -2.46 -3.31
CA TYR B 57 18.29 -3.19 -2.52
C TYR B 57 18.52 -4.57 -3.07
N PHE B 58 17.46 -5.26 -3.48
CA PHE B 58 17.60 -6.60 -4.04
C PHE B 58 18.48 -6.61 -5.29
N LYS B 59 18.31 -5.60 -6.16
CA LYS B 59 19.18 -5.49 -7.32
C LYS B 59 20.63 -5.22 -6.90
N LEU B 60 20.82 -4.31 -5.92
CA LEU B 60 22.16 -3.99 -5.44
C LEU B 60 22.84 -5.23 -4.87
N PHE B 61 22.14 -5.97 -4.01
CA PHE B 61 22.71 -7.18 -3.44
C PHE B 61 23.05 -8.20 -4.52
N LYS B 62 22.26 -8.23 -5.60
CA LYS B 62 22.51 -9.17 -6.67
C LYS B 62 23.84 -8.89 -7.36
N ASN B 63 24.26 -7.63 -7.42
CA ASN B 63 25.52 -7.30 -8.05
C ASN B 63 26.70 -7.75 -7.21
N PHE B 64 26.56 -7.73 -5.88
CA PHE B 64 27.63 -8.10 -4.97
C PHE B 64 27.47 -9.52 -4.43
N LYS B 65 26.80 -10.39 -5.18
CA LYS B 65 26.69 -11.78 -4.76
C LYS B 65 28.01 -12.52 -4.87
N ASP B 66 29.01 -11.95 -5.53
CA ASP B 66 30.31 -12.59 -5.68
C ASP B 66 31.30 -12.19 -4.59
N ASP B 67 31.09 -11.05 -3.94
CA ASP B 67 31.93 -10.66 -2.82
C ASP B 67 31.58 -11.51 -1.60
N GLN B 68 32.30 -12.62 -1.42
CA GLN B 68 32.02 -13.55 -0.33
C GLN B 68 32.27 -12.93 1.04
N SER B 69 32.94 -11.77 1.11
CA SER B 69 33.19 -11.12 2.39
C SER B 69 31.89 -10.71 3.06
N ILE B 70 30.90 -10.29 2.27
CA ILE B 70 29.68 -9.67 2.79
C ILE B 70 28.46 -10.57 2.58
N GLN B 71 28.65 -11.79 2.11
CA GLN B 71 27.50 -12.65 1.81
C GLN B 71 26.68 -12.91 3.07
N LYS B 72 27.34 -13.06 4.21
CA LYS B 72 26.62 -13.24 5.47
C LYS B 72 25.73 -12.04 5.78
N SER B 73 26.30 -10.83 5.73
CA SER B 73 25.51 -9.65 6.03
C SER B 73 24.40 -9.45 5.00
N VAL B 74 24.69 -9.73 3.73
CA VAL B 74 23.70 -9.53 2.68
C VAL B 74 22.50 -10.44 2.89
N GLU B 75 22.74 -11.74 3.02
CA GLU B 75 21.63 -12.69 3.07
C GLU B 75 20.83 -12.59 4.36
N THR B 76 21.43 -12.10 5.45
CA THR B 76 20.65 -11.86 6.66
C THR B 76 19.67 -10.72 6.46
N ILE B 77 20.11 -9.63 5.85
CA ILE B 77 19.23 -8.49 5.59
C ILE B 77 18.13 -8.89 4.62
N LYS B 78 18.46 -9.74 3.64
CA LYS B 78 17.45 -10.20 2.69
C LYS B 78 16.34 -10.95 3.40
N GLU B 79 16.69 -11.84 4.33
CA GLU B 79 15.66 -12.58 5.07
C GLU B 79 14.85 -11.66 5.96
N ASP B 80 15.51 -10.69 6.60
CA ASP B 80 14.77 -9.73 7.43
C ASP B 80 13.84 -8.87 6.59
N MET B 81 14.22 -8.58 5.35
CA MET B 81 13.29 -7.93 4.43
C MET B 81 12.14 -8.86 4.09
N ASN B 82 12.44 -10.15 3.87
CA ASN B 82 11.38 -11.12 3.63
C ASN B 82 10.41 -11.22 4.80
N VAL B 83 10.87 -10.91 6.01
CA VAL B 83 10.02 -10.97 7.20
C VAL B 83 9.26 -9.67 7.41
N LYS B 84 9.95 -8.52 7.35
CA LYS B 84 9.30 -7.26 7.65
C LYS B 84 8.41 -6.78 6.52
N PHE B 85 8.86 -6.91 5.27
CA PHE B 85 8.13 -6.32 4.15
C PHE B 85 7.13 -7.28 3.50
N PHE B 86 7.51 -8.55 3.35
CA PHE B 86 6.64 -9.55 2.75
C PHE B 86 5.89 -10.39 3.77
N ASN B 87 6.10 -10.12 5.06
CA ASN B 87 5.39 -10.81 6.14
C ASN B 87 5.59 -12.32 6.07
N SER B 88 6.78 -12.74 5.64
CA SER B 88 7.16 -14.16 5.52
C SER B 88 6.25 -14.93 4.56
N ASN B 89 5.55 -14.23 3.66
CA ASN B 89 4.71 -14.88 2.66
C ASN B 89 5.57 -15.23 1.45
N LYS B 90 5.85 -16.51 1.27
CA LYS B 90 6.71 -16.95 0.18
C LYS B 90 6.12 -16.59 -1.18
N LYS B 91 4.79 -16.71 -1.32
CA LYS B 91 4.14 -16.31 -2.57
C LYS B 91 4.32 -14.82 -2.83
N LYS B 92 4.14 -13.99 -1.79
CA LYS B 92 4.35 -12.56 -1.95
C LYS B 92 5.77 -12.25 -2.40
N ARG B 93 6.75 -12.93 -1.81
CA ARG B 93 8.14 -12.74 -2.23
C ARG B 93 8.36 -13.21 -3.66
N ASP B 94 7.76 -14.34 -4.03
CA ASP B 94 8.02 -14.91 -5.35
C ASP B 94 7.34 -14.10 -6.46
N ASP B 95 6.10 -13.66 -6.23
CA ASP B 95 5.44 -12.79 -7.20
C ASP B 95 6.20 -11.49 -7.39
N PHE B 96 6.71 -10.91 -6.29
CA PHE B 96 7.50 -9.68 -6.39
C PHE B 96 8.72 -9.87 -7.29
N GLU B 97 9.44 -10.99 -7.11
CA GLU B 97 10.65 -11.21 -7.90
C GLU B 97 10.34 -11.39 -9.38
N LYS B 98 9.18 -11.97 -9.72
CA LYS B 98 8.83 -12.11 -11.13
C LYS B 98 8.64 -10.76 -11.79
N LEU B 99 7.89 -9.87 -11.14
CA LEU B 99 7.62 -8.56 -11.72
C LEU B 99 8.91 -7.79 -12.01
N THR B 100 9.89 -7.91 -11.10
CA THR B 100 11.14 -7.18 -11.27
C THR B 100 11.94 -7.70 -12.45
N ASN B 101 12.03 -9.02 -12.59
CA ASN B 101 12.91 -9.63 -13.58
C ASN B 101 12.39 -9.48 -15.01
N TYR B 102 11.18 -8.95 -15.22
CA TYR B 102 10.68 -8.77 -16.59
C TYR B 102 11.57 -7.78 -17.34
N SER B 103 12.02 -8.20 -18.52
CA SER B 103 12.83 -7.33 -19.35
C SER B 103 11.92 -6.42 -20.16
N VAL B 104 12.15 -5.11 -20.05
CA VAL B 104 11.35 -4.12 -20.77
C VAL B 104 11.79 -4.00 -22.23
N THR B 105 12.85 -4.72 -22.62
CA THR B 105 13.26 -4.76 -24.02
C THR B 105 12.88 -6.05 -24.71
N ASP B 106 12.45 -7.07 -23.96
CA ASP B 106 11.97 -8.31 -24.55
C ASP B 106 10.70 -8.03 -25.36
N LEU B 107 10.77 -8.27 -26.67
CA LEU B 107 9.68 -7.91 -27.57
C LEU B 107 8.39 -8.63 -27.19
N ASN B 108 8.49 -9.89 -26.75
CA ASN B 108 7.30 -10.59 -26.30
C ASN B 108 6.74 -10.00 -25.03
N VAL B 109 7.60 -9.48 -24.15
CA VAL B 109 7.11 -8.96 -22.88
C VAL B 109 6.32 -7.68 -23.10
N GLN B 110 6.82 -6.79 -23.94
CA GLN B 110 6.11 -5.51 -24.13
C GLN B 110 4.79 -5.72 -24.86
N ARG B 111 4.73 -6.67 -25.79
CA ARG B 111 3.44 -6.96 -26.42
C ARG B 111 2.42 -7.46 -25.41
N LYS B 112 2.83 -8.34 -24.50
CA LYS B 112 1.92 -8.80 -23.44
C LYS B 112 1.61 -7.67 -22.48
N ALA B 113 2.59 -6.82 -22.19
CA ALA B 113 2.34 -5.68 -21.30
C ALA B 113 1.33 -4.72 -21.91
N ILE B 114 1.49 -4.40 -23.19
CA ILE B 114 0.53 -3.53 -23.86
C ILE B 114 -0.85 -4.17 -23.88
N HIS B 115 -0.90 -5.50 -24.00
CA HIS B 115 -2.19 -6.18 -24.00
C HIS B 115 -2.86 -6.08 -22.64
N GLU B 116 -2.13 -6.43 -21.57
CA GLU B 116 -2.71 -6.45 -20.24
C GLU B 116 -2.95 -5.06 -19.66
N LEU B 117 -2.53 -4.01 -20.38
CA LEU B 117 -2.59 -2.64 -19.83
C LEU B 117 -3.99 -2.27 -19.37
N ILE B 118 -5.01 -2.59 -20.16
CA ILE B 118 -6.37 -2.16 -19.86
C ILE B 118 -6.82 -2.72 -18.52
N GLN B 119 -6.71 -4.04 -18.34
CA GLN B 119 -7.17 -4.64 -17.10
C GLN B 119 -6.28 -4.26 -15.92
N VAL B 120 -5.03 -3.88 -16.17
CA VAL B 120 -4.20 -3.35 -15.09
C VAL B 120 -4.71 -1.99 -14.64
N MET B 121 -4.93 -1.08 -15.59
CA MET B 121 -5.51 0.22 -15.27
C MET B 121 -6.88 0.08 -14.62
N ALA B 122 -7.60 -1.01 -14.96
CA ALA B 122 -8.95 -1.19 -14.44
C ALA B 122 -8.96 -1.31 -12.93
N GLU B 123 -7.89 -1.85 -12.34
CA GLU B 123 -7.84 -2.05 -10.90
C GLU B 123 -6.67 -1.29 -10.26
N LEU B 124 -6.18 -0.24 -10.92
CA LEU B 124 -5.21 0.64 -10.27
C LEU B 124 -5.84 1.42 -9.12
N SER B 125 -7.09 1.83 -9.31
CA SER B 125 -7.79 2.54 -8.25
C SER B 125 -8.17 1.55 -7.15
N PRO B 126 -8.37 2.03 -5.93
CA PRO B 126 -8.74 1.14 -4.83
C PRO B 126 -10.15 0.58 -4.99
N ALA B 127 -10.36 -0.58 -4.40
CA ALA B 127 -11.67 -1.23 -4.46
C ALA B 127 -12.70 -0.41 -3.70
N ALA B 128 -13.93 -0.44 -4.20
CA ALA B 128 -15.02 0.32 -3.61
C ALA B 128 -15.41 -0.25 -2.26
N SER C 13 -6.66 -27.83 -53.90
CA SER C 13 -6.64 -27.51 -52.48
C SER C 13 -7.97 -26.92 -52.01
N VAL C 14 -8.51 -27.49 -50.94
CA VAL C 14 -9.79 -27.01 -50.42
C VAL C 14 -9.64 -25.57 -49.94
N PRO C 15 -10.56 -24.66 -50.28
CA PRO C 15 -10.40 -23.26 -49.89
C PRO C 15 -10.66 -23.05 -48.41
N THR C 16 -10.06 -21.99 -47.89
CA THR C 16 -10.21 -21.62 -46.50
C THR C 16 -11.51 -20.82 -46.30
N PRO C 17 -12.17 -20.97 -45.16
CA PRO C 17 -13.41 -20.21 -44.91
C PRO C 17 -13.17 -18.71 -44.87
N THR C 18 -14.26 -17.95 -44.94
CA THR C 18 -14.17 -16.50 -45.00
C THR C 18 -15.21 -15.86 -44.09
N ASN C 19 -15.02 -14.58 -43.81
CA ASN C 19 -15.95 -13.77 -43.03
C ASN C 19 -16.28 -14.43 -41.69
N VAL C 20 -15.25 -14.59 -40.87
CA VAL C 20 -15.41 -15.11 -39.52
C VAL C 20 -15.81 -13.97 -38.60
N THR C 21 -16.89 -14.16 -37.84
CA THR C 21 -17.39 -13.14 -36.91
C THR C 21 -17.82 -13.82 -35.62
N ILE C 22 -17.82 -13.03 -34.55
CA ILE C 22 -18.26 -13.51 -33.24
C ILE C 22 -19.30 -12.54 -32.69
N GLU C 23 -20.46 -13.08 -32.32
CA GLU C 23 -21.55 -12.29 -31.77
C GLU C 23 -21.95 -12.87 -30.42
N SER C 24 -21.93 -12.03 -29.38
CA SER C 24 -22.24 -12.45 -28.03
C SER C 24 -23.44 -11.68 -27.51
N TYR C 25 -24.38 -12.40 -26.91
CA TYR C 25 -25.52 -11.82 -26.21
C TYR C 25 -25.65 -12.54 -24.88
N ASN C 26 -25.68 -11.77 -23.79
CA ASN C 26 -25.71 -12.33 -22.44
C ASN C 26 -24.55 -13.30 -22.24
N MET C 27 -23.37 -12.90 -22.73
CA MET C 27 -22.12 -13.63 -22.51
C MET C 27 -22.18 -15.05 -23.06
N ASN C 28 -23.03 -15.27 -24.07
CA ASN C 28 -23.11 -16.53 -24.79
C ASN C 28 -22.69 -16.27 -26.23
N PRO C 29 -21.40 -16.30 -26.52
CA PRO C 29 -20.93 -15.94 -27.86
C PRO C 29 -21.07 -17.08 -28.84
N ILE C 30 -21.43 -16.74 -30.08
CA ILE C 30 -21.54 -17.69 -31.17
C ILE C 30 -20.56 -17.27 -32.27
N VAL C 31 -19.91 -18.26 -32.88
CA VAL C 31 -18.98 -18.02 -33.97
C VAL C 31 -19.70 -18.28 -35.29
N TYR C 32 -19.58 -17.35 -36.23
CA TYR C 32 -20.21 -17.48 -37.53
C TYR C 32 -19.15 -17.33 -38.63
N TRP C 33 -19.41 -18.00 -39.75
CA TRP C 33 -18.52 -17.91 -40.90
C TRP C 33 -19.28 -18.27 -42.16
N GLU C 34 -18.73 -17.84 -43.29
CA GLU C 34 -19.30 -18.09 -44.61
C GLU C 34 -18.39 -19.03 -45.39
N TYR C 35 -19.00 -19.90 -46.20
CA TYR C 35 -18.25 -20.83 -47.03
C TYR C 35 -18.99 -21.02 -48.34
N GLN C 36 -18.21 -21.21 -49.40
CA GLN C 36 -18.77 -21.37 -50.74
C GLN C 36 -19.41 -22.75 -50.87
N ILE C 37 -20.42 -22.83 -51.74
CA ILE C 37 -21.11 -24.09 -51.99
C ILE C 37 -20.22 -24.99 -52.84
N MET C 38 -20.23 -26.29 -52.52
CA MET C 38 -19.39 -27.27 -53.18
C MET C 38 -20.21 -28.53 -53.41
N PRO C 39 -19.79 -29.38 -54.36
CA PRO C 39 -20.52 -30.64 -54.58
C PRO C 39 -20.61 -31.54 -53.36
N GLN C 40 -19.51 -31.69 -52.62
CA GLN C 40 -19.52 -32.46 -51.38
C GLN C 40 -19.99 -31.56 -50.23
N VAL C 41 -20.31 -32.20 -49.10
CA VAL C 41 -20.69 -31.49 -47.89
C VAL C 41 -19.44 -31.33 -47.02
N PRO C 42 -18.94 -30.11 -46.82
CA PRO C 42 -17.73 -29.92 -46.02
C PRO C 42 -18.06 -29.86 -44.53
N VAL C 43 -17.07 -30.26 -43.73
CA VAL C 43 -17.16 -30.19 -42.28
C VAL C 43 -16.08 -29.24 -41.78
N PHE C 44 -16.36 -28.62 -40.63
CA PHE C 44 -15.48 -27.61 -40.07
C PHE C 44 -15.13 -27.96 -38.64
N THR C 45 -14.01 -27.41 -38.19
CA THR C 45 -13.59 -27.50 -36.80
C THR C 45 -13.31 -26.09 -36.30
N VAL C 46 -13.81 -25.77 -35.12
CA VAL C 46 -13.67 -24.45 -34.51
C VAL C 46 -12.79 -24.57 -33.28
N GLU C 47 -11.75 -23.74 -33.21
CA GLU C 47 -10.76 -23.78 -32.14
C GLU C 47 -10.69 -22.43 -31.44
N VAL C 48 -10.62 -22.45 -30.11
CA VAL C 48 -10.60 -21.24 -29.29
C VAL C 48 -9.29 -21.17 -28.54
N LYS C 49 -8.78 -19.95 -28.38
CA LYS C 49 -7.54 -19.70 -27.64
C LYS C 49 -7.77 -18.49 -26.74
N ASN C 50 -7.72 -18.71 -25.42
CA ASN C 50 -7.95 -17.64 -24.46
C ASN C 50 -6.63 -17.00 -24.03
N TYR C 51 -6.72 -15.73 -23.64
CA TYR C 51 -5.61 -15.06 -22.98
C TYR C 51 -5.73 -15.28 -21.48
N GLY C 52 -4.61 -15.61 -20.85
CA GLY C 52 -4.59 -15.79 -19.41
C GLY C 52 -4.54 -17.21 -18.92
N VAL C 53 -4.21 -18.17 -19.77
CA VAL C 53 -4.05 -19.56 -19.37
C VAL C 53 -2.60 -19.96 -19.60
N LYS C 54 -2.03 -20.68 -18.64
CA LYS C 54 -0.64 -21.10 -18.75
C LYS C 54 -0.45 -22.04 -19.93
N ASN C 55 0.62 -21.81 -20.70
CA ASN C 55 0.95 -22.63 -21.85
C ASN C 55 -0.24 -22.78 -22.78
N SER C 56 -0.82 -21.64 -23.16
CA SER C 56 -2.09 -21.62 -23.87
C SER C 56 -1.99 -22.33 -25.21
N GLU C 57 -2.95 -23.21 -25.48
CA GLU C 57 -3.06 -23.90 -26.76
C GLU C 57 -4.51 -23.87 -27.21
N TRP C 58 -4.70 -24.12 -28.51
CA TRP C 58 -6.03 -24.04 -29.09
C TRP C 58 -6.92 -25.17 -28.61
N ILE C 59 -8.10 -24.81 -28.11
CA ILE C 59 -9.06 -25.78 -27.60
C ILE C 59 -10.13 -26.00 -28.66
N ASP C 60 -10.44 -27.27 -28.94
CA ASP C 60 -11.48 -27.60 -29.89
C ASP C 60 -12.84 -27.32 -29.28
N ALA C 61 -13.69 -26.60 -30.03
CA ALA C 61 -15.05 -26.30 -29.60
C ALA C 61 -16.07 -27.14 -30.35
N CYS C 62 -16.09 -27.05 -31.67
CA CYS C 62 -16.94 -27.87 -32.52
C CYS C 62 -16.02 -28.67 -33.43
N ILE C 63 -16.29 -29.96 -33.55
CA ILE C 63 -15.40 -30.87 -34.26
C ILE C 63 -16.17 -31.51 -35.41
N ASN C 64 -15.63 -31.36 -36.63
CA ASN C 64 -16.21 -31.94 -37.84
C ASN C 64 -17.72 -31.71 -37.91
N ILE C 65 -18.08 -30.43 -37.93
CA ILE C 65 -19.47 -30.03 -37.95
C ILE C 65 -19.80 -29.45 -39.32
N SER C 66 -21.03 -29.66 -39.77
CA SER C 66 -21.41 -29.35 -41.15
C SER C 66 -22.04 -27.97 -41.31
N HIS C 67 -22.52 -27.33 -40.23
CA HIS C 67 -23.18 -26.05 -40.34
C HIS C 67 -22.21 -24.91 -40.06
N HIS C 68 -22.69 -23.68 -40.20
CA HIS C 68 -21.87 -22.46 -40.15
C HIS C 68 -21.99 -21.72 -38.83
N TYR C 69 -22.00 -22.43 -37.70
CA TYR C 69 -22.01 -21.74 -36.40
C TYR C 69 -21.45 -22.67 -35.34
N CYS C 70 -21.01 -22.07 -34.23
CA CYS C 70 -20.43 -22.84 -33.13
C CYS C 70 -20.59 -22.03 -31.86
N ASN C 71 -21.40 -22.54 -30.93
CA ASN C 71 -21.61 -21.88 -29.65
C ASN C 71 -20.45 -22.19 -28.72
N ILE C 72 -19.74 -21.15 -28.27
CA ILE C 72 -18.53 -21.35 -27.47
C ILE C 72 -18.71 -20.76 -26.08
N SER C 73 -19.93 -20.86 -25.53
CA SER C 73 -20.17 -20.32 -24.20
C SER C 73 -19.33 -21.03 -23.15
N ASP C 74 -19.04 -22.32 -23.36
CA ASP C 74 -18.24 -23.06 -22.39
C ASP C 74 -16.77 -22.64 -22.39
N HIS C 75 -16.29 -22.04 -23.48
CA HIS C 75 -14.91 -21.59 -23.59
C HIS C 75 -14.72 -20.15 -23.17
N VAL C 76 -15.69 -19.58 -22.44
CA VAL C 76 -15.58 -18.21 -21.96
C VAL C 76 -15.01 -18.25 -20.55
N GLY C 77 -13.78 -17.79 -20.40
CA GLY C 77 -13.20 -17.67 -19.08
C GLY C 77 -13.64 -16.39 -18.41
N ASP C 78 -12.75 -15.42 -18.34
CA ASP C 78 -13.13 -14.10 -17.84
C ASP C 78 -13.77 -13.31 -18.97
N PRO C 79 -14.99 -12.80 -18.78
CA PRO C 79 -15.64 -12.01 -19.84
C PRO C 79 -14.87 -10.77 -20.25
N SER C 80 -13.85 -10.37 -19.50
CA SER C 80 -13.00 -9.25 -19.87
C SER C 80 -11.68 -9.70 -20.49
N ASN C 81 -11.41 -11.00 -20.53
CA ASN C 81 -10.19 -11.52 -21.14
C ASN C 81 -10.41 -11.76 -22.62
N SER C 82 -9.41 -11.35 -23.42
CA SER C 82 -9.49 -11.54 -24.85
C SER C 82 -9.46 -13.03 -25.19
N LEU C 83 -10.13 -13.38 -26.30
CA LEU C 83 -10.09 -14.72 -26.85
C LEU C 83 -10.09 -14.61 -28.36
N TRP C 84 -9.47 -15.61 -28.98
CA TRP C 84 -9.38 -15.68 -30.44
C TRP C 84 -10.02 -16.98 -30.91
N VAL C 85 -10.56 -16.95 -32.12
CA VAL C 85 -11.25 -18.09 -32.72
C VAL C 85 -10.75 -18.25 -34.16
N ARG C 86 -10.41 -19.48 -34.53
CA ARG C 86 -10.04 -19.84 -35.88
C ARG C 86 -10.78 -21.10 -36.30
N VAL C 87 -11.04 -21.22 -37.59
CA VAL C 87 -11.83 -22.34 -38.11
C VAL C 87 -11.22 -22.80 -39.42
N LYS C 88 -11.18 -24.11 -39.62
CA LYS C 88 -10.71 -24.72 -40.85
C LYS C 88 -11.79 -25.63 -41.42
N ALA C 89 -11.66 -25.94 -42.71
CA ALA C 89 -12.63 -26.79 -43.42
C ALA C 89 -11.97 -28.09 -43.83
N ARG C 90 -12.74 -29.18 -43.78
CA ARG C 90 -12.30 -30.49 -44.24
C ARG C 90 -13.29 -31.03 -45.27
N VAL C 91 -12.77 -31.43 -46.43
CA VAL C 91 -13.57 -32.09 -47.46
C VAL C 91 -12.91 -33.42 -47.78
N GLY C 92 -13.65 -34.51 -47.58
CA GLY C 92 -13.04 -35.82 -47.73
C GLY C 92 -11.95 -36.03 -46.70
N GLN C 93 -10.70 -36.14 -47.16
CA GLN C 93 -9.56 -36.28 -46.27
C GLN C 93 -8.56 -35.13 -46.40
N LYS C 94 -8.91 -34.06 -47.11
CA LYS C 94 -8.04 -32.91 -47.27
C LYS C 94 -8.61 -31.71 -46.53
N GLU C 95 -7.73 -31.00 -45.81
CA GLU C 95 -8.14 -29.86 -44.99
C GLU C 95 -7.61 -28.57 -45.58
N SER C 96 -8.17 -27.45 -45.10
CA SER C 96 -7.84 -26.12 -45.58
C SER C 96 -7.09 -25.34 -44.52
N ALA C 97 -6.59 -24.18 -44.94
CA ALA C 97 -5.92 -23.30 -44.00
C ALA C 97 -6.94 -22.70 -43.05
N TYR C 98 -6.45 -22.25 -41.90
CA TYR C 98 -7.31 -21.68 -40.88
C TYR C 98 -7.75 -20.28 -41.27
N ALA C 99 -8.94 -19.91 -40.81
CA ALA C 99 -9.49 -18.56 -40.96
C ALA C 99 -9.61 -17.98 -39.56
N LYS C 100 -8.67 -17.12 -39.18
CA LYS C 100 -8.60 -16.57 -37.85
C LYS C 100 -9.45 -15.29 -37.73
N SER C 101 -10.02 -15.09 -36.55
CA SER C 101 -10.88 -13.94 -36.28
C SER C 101 -10.10 -12.86 -35.52
N GLU C 102 -10.69 -11.67 -35.47
CA GLU C 102 -10.17 -10.62 -34.63
C GLU C 102 -10.30 -11.01 -33.16
N GLU C 103 -9.51 -10.35 -32.30
CA GLU C 103 -9.62 -10.60 -30.87
C GLU C 103 -11.01 -10.22 -30.38
N PHE C 104 -11.51 -10.97 -29.40
CA PHE C 104 -12.89 -10.83 -28.93
C PHE C 104 -12.91 -10.75 -27.42
N ALA C 105 -13.42 -9.63 -26.90
CA ALA C 105 -13.66 -9.44 -25.48
C ALA C 105 -15.18 -9.44 -25.28
N VAL C 106 -15.66 -10.40 -24.48
CA VAL C 106 -17.10 -10.54 -24.26
C VAL C 106 -17.67 -9.25 -23.67
N CYS C 107 -16.92 -8.63 -22.77
CA CYS C 107 -17.40 -7.40 -22.13
C CYS C 107 -17.42 -6.25 -23.12
N ARG C 108 -16.43 -6.17 -24.00
CA ARG C 108 -16.33 -5.05 -24.92
C ARG C 108 -17.23 -5.22 -26.11
N ASP C 109 -17.08 -6.35 -26.82
CA ASP C 109 -17.76 -6.59 -28.08
C ASP C 109 -19.15 -7.19 -27.93
N GLY C 110 -19.44 -7.82 -26.79
CA GLY C 110 -20.73 -8.45 -26.58
C GLY C 110 -21.82 -7.47 -26.21
N LYS C 111 -23.01 -8.01 -26.00
CA LYS C 111 -24.17 -7.23 -25.60
C LYS C 111 -24.90 -7.94 -24.46
N ILE C 112 -25.46 -7.15 -23.54
CA ILE C 112 -26.08 -7.67 -22.34
C ILE C 112 -27.55 -7.30 -22.33
N GLY C 113 -28.37 -8.19 -21.79
CA GLY C 113 -29.79 -8.00 -21.77
C GLY C 113 -30.20 -6.81 -20.91
N PRO C 114 -31.45 -6.40 -21.03
CA PRO C 114 -31.92 -5.26 -20.29
C PRO C 114 -32.29 -5.66 -18.88
N PRO C 115 -32.25 -4.74 -17.93
CA PRO C 115 -32.74 -5.02 -16.59
C PRO C 115 -34.26 -5.04 -16.56
N LYS C 116 -34.80 -5.73 -15.56
CA LYS C 116 -36.23 -5.82 -15.34
C LYS C 116 -36.67 -4.77 -14.33
N LEU C 117 -37.64 -3.95 -14.69
CA LEU C 117 -38.11 -2.85 -13.86
C LEU C 117 -39.45 -3.18 -13.22
N ASP C 118 -39.56 -2.86 -11.93
CA ASP C 118 -40.80 -3.00 -11.18
C ASP C 118 -41.07 -1.69 -10.47
N ILE C 119 -42.33 -1.28 -10.45
CA ILE C 119 -42.74 0.00 -9.89
C ILE C 119 -43.91 -0.22 -8.95
N ARG C 120 -43.95 0.55 -7.85
CA ARG C 120 -45.01 0.42 -6.87
C ARG C 120 -45.12 1.72 -6.10
N LYS C 121 -46.35 2.05 -5.72
CA LYS C 121 -46.64 3.31 -5.05
C LYS C 121 -46.64 3.14 -3.53
N GLU C 122 -46.26 4.21 -2.83
CA GLU C 122 -46.36 4.32 -1.39
C GLU C 122 -47.09 5.63 -1.07
N GLU C 123 -47.22 5.93 0.22
CA GLU C 123 -48.03 7.07 0.63
C GLU C 123 -47.45 8.39 0.11
N LYS C 124 -46.13 8.54 0.18
CA LYS C 124 -45.50 9.81 -0.16
C LYS C 124 -44.49 9.70 -1.29
N GLN C 125 -44.29 8.51 -1.86
CA GLN C 125 -43.22 8.33 -2.83
C GLN C 125 -43.54 7.16 -3.74
N ILE C 126 -42.64 6.91 -4.69
CA ILE C 126 -42.70 5.78 -5.59
C ILE C 126 -41.39 5.02 -5.48
N MET C 127 -41.49 3.71 -5.25
CA MET C 127 -40.32 2.86 -5.09
C MET C 127 -40.08 2.12 -6.41
N ILE C 128 -38.97 2.42 -7.07
CA ILE C 128 -38.62 1.82 -8.35
C ILE C 128 -37.57 0.74 -8.09
N ASP C 129 -37.88 -0.50 -8.47
CA ASP C 129 -36.97 -1.62 -8.32
C ASP C 129 -36.31 -1.93 -9.66
N ILE C 130 -34.99 -2.01 -9.66
CA ILE C 130 -34.20 -2.29 -10.86
C ILE C 130 -33.51 -3.63 -10.63
N PHE C 131 -34.10 -4.70 -11.17
CA PHE C 131 -33.51 -6.02 -11.04
C PHE C 131 -32.40 -6.20 -12.08
N HIS C 132 -31.27 -6.73 -11.63
CA HIS C 132 -30.13 -6.91 -12.52
C HIS C 132 -30.51 -7.88 -13.64
N PRO C 133 -29.91 -7.72 -14.82
CA PRO C 133 -30.13 -8.70 -15.88
C PRO C 133 -29.77 -10.11 -15.43
N SER C 134 -30.45 -11.09 -16.03
CA SER C 134 -30.36 -12.47 -15.56
C SER C 134 -28.97 -13.07 -15.67
N VAL C 135 -28.02 -12.38 -16.31
CA VAL C 135 -26.69 -12.95 -16.47
C VAL C 135 -25.99 -13.07 -15.12
N PHE C 136 -26.04 -12.00 -14.32
CA PHE C 136 -25.26 -11.93 -13.09
C PHE C 136 -25.92 -12.64 -11.91
N VAL C 137 -27.17 -13.06 -12.04
CA VAL C 137 -27.88 -13.75 -10.98
C VAL C 137 -28.12 -15.18 -11.42
N ASN C 138 -27.52 -16.14 -10.73
CA ASN C 138 -27.68 -17.54 -11.08
C ASN C 138 -27.25 -18.39 -9.89
N GLY C 139 -27.75 -19.62 -9.85
CA GLY C 139 -27.42 -20.55 -8.80
C GLY C 139 -26.51 -21.67 -9.26
N TYR C 146 -18.32 -18.78 -17.49
CA TYR C 146 -19.14 -18.03 -16.54
C TYR C 146 -18.36 -17.73 -15.26
N ASP C 147 -17.15 -17.19 -15.44
CA ASP C 147 -16.23 -17.05 -14.32
C ASP C 147 -16.70 -15.95 -13.37
N PRO C 148 -16.67 -16.18 -12.07
CA PRO C 148 -17.03 -15.15 -11.11
C PRO C 148 -15.84 -14.26 -10.80
N GLU C 149 -16.09 -13.27 -9.95
CA GLU C 149 -15.11 -12.27 -9.52
C GLU C 149 -14.38 -11.69 -10.72
N THR C 150 -15.15 -11.28 -11.71
CA THR C 150 -14.58 -10.72 -12.92
C THR C 150 -14.63 -9.20 -12.88
N ILE C 151 -13.92 -8.60 -13.84
CA ILE C 151 -13.99 -7.16 -14.03
C ILE C 151 -15.36 -6.77 -14.59
N CYS C 152 -15.99 -7.66 -15.36
CA CYS C 152 -17.16 -7.31 -16.18
C CYS C 152 -18.42 -7.36 -15.33
N TYR C 153 -18.92 -6.20 -14.92
CA TYR C 153 -20.25 -6.10 -14.30
C TYR C 153 -20.73 -4.66 -14.46
N ILE C 154 -21.88 -4.33 -13.87
CA ILE C 154 -22.48 -3.02 -14.04
C ILE C 154 -21.99 -2.11 -12.91
N ARG C 155 -21.56 -0.90 -13.27
CA ARG C 155 -21.08 0.05 -12.27
C ARG C 155 -22.10 1.15 -11.97
N VAL C 156 -22.85 1.59 -12.97
CA VAL C 156 -23.90 2.58 -12.77
C VAL C 156 -25.13 2.17 -13.55
N TYR C 157 -26.28 2.58 -13.05
CA TYR C 157 -27.56 2.43 -13.74
C TYR C 157 -28.05 3.80 -14.16
N ASN C 158 -28.29 3.98 -15.45
CA ASN C 158 -28.92 5.20 -15.96
C ASN C 158 -30.43 4.97 -15.91
N VAL C 159 -31.10 5.58 -14.94
CA VAL C 159 -32.53 5.43 -14.75
C VAL C 159 -33.20 6.72 -15.22
N TYR C 160 -33.95 6.63 -16.31
CA TYR C 160 -34.63 7.77 -16.90
C TYR C 160 -36.08 7.79 -16.42
N VAL C 161 -36.47 8.91 -15.79
CA VAL C 161 -37.80 9.06 -15.21
C VAL C 161 -38.51 10.19 -15.92
N ARG C 162 -39.54 9.85 -16.68
CA ARG C 162 -40.33 10.82 -17.43
C ARG C 162 -41.64 11.05 -16.66
N LYS C 163 -41.81 12.27 -16.17
CA LYS C 163 -43.04 12.69 -15.48
C LYS C 163 -43.76 13.66 -16.42
N ASN C 164 -44.89 13.22 -16.97
CA ASN C 164 -45.63 13.96 -18.00
C ASN C 164 -44.67 14.12 -19.16
N GLY C 165 -44.35 15.34 -19.61
CA GLY C 165 -43.48 15.58 -20.74
C GLY C 165 -41.99 15.50 -20.48
N SER C 166 -41.56 15.58 -19.22
CA SER C 166 -40.16 15.86 -18.90
C SER C 166 -39.46 14.62 -18.34
N GLU C 167 -38.21 14.43 -18.77
CA GLU C 167 -37.36 13.33 -18.37
C GLU C 167 -36.15 13.89 -17.63
N ILE C 168 -35.76 13.23 -16.55
CA ILE C 168 -34.54 13.56 -15.82
C ILE C 168 -33.76 12.27 -15.60
N LYS C 169 -32.45 12.31 -15.83
CA LYS C 169 -31.62 11.12 -15.74
C LYS C 169 -31.13 10.93 -14.30
N TYR C 170 -31.27 9.71 -13.81
CA TYR C 170 -30.76 9.32 -12.50
C TYR C 170 -29.57 8.40 -12.66
N LYS C 171 -28.76 8.32 -11.61
CA LYS C 171 -27.56 7.47 -11.60
C LYS C 171 -27.52 6.72 -10.28
N ILE C 172 -27.50 5.39 -10.35
CA ILE C 172 -27.41 4.54 -9.18
C ILE C 172 -26.14 3.71 -9.32
N LEU C 173 -25.23 3.85 -8.36
CA LEU C 173 -23.96 3.13 -8.41
C LEU C 173 -24.07 1.78 -7.73
N THR C 174 -23.53 0.74 -8.38
CA THR C 174 -23.60 -0.61 -7.84
C THR C 174 -22.86 -0.74 -6.51
N GLN C 175 -21.78 0.02 -6.34
CA GLN C 175 -20.99 -0.05 -5.11
C GLN C 175 -21.74 0.43 -3.89
N ASN C 176 -22.87 1.12 -4.07
CA ASN C 176 -23.64 1.66 -2.95
C ASN C 176 -24.43 0.53 -2.30
N GLU C 177 -23.97 0.07 -1.14
CA GLU C 177 -24.65 -1.03 -0.46
C GLU C 177 -26.04 -0.64 0.03
N ASP C 178 -26.25 0.65 0.31
CA ASP C 178 -27.54 1.10 0.81
C ASP C 178 -28.60 1.18 -0.28
N ASP C 179 -28.19 1.19 -1.55
CA ASP C 179 -29.12 1.26 -2.68
C ASP C 179 -29.19 0.00 -3.51
N CYS C 180 -28.16 -0.85 -3.46
CA CYS C 180 -28.08 -2.05 -4.29
C CYS C 180 -27.65 -3.23 -3.45
N ASP C 181 -28.24 -4.38 -3.72
CA ASP C 181 -27.76 -5.66 -3.22
C ASP C 181 -27.52 -6.57 -4.41
N GLU C 182 -27.34 -7.86 -4.14
CA GLU C 182 -27.02 -8.81 -5.21
C GLU C 182 -28.23 -9.13 -6.08
N ILE C 183 -29.43 -8.71 -5.69
CA ILE C 183 -30.62 -9.05 -6.46
C ILE C 183 -31.23 -7.83 -7.14
N ARG C 184 -31.03 -6.62 -6.60
CA ARG C 184 -31.78 -5.47 -7.09
C ARG C 184 -31.06 -4.18 -6.76
N CYS C 185 -31.57 -3.11 -7.36
CA CYS C 185 -31.21 -1.73 -7.05
C CYS C 185 -32.50 -0.94 -6.99
N GLN C 186 -32.58 0.03 -6.08
CA GLN C 186 -33.82 0.76 -5.86
C GLN C 186 -33.60 2.25 -5.97
N LEU C 187 -34.69 2.95 -6.29
CA LEU C 187 -34.70 4.40 -6.37
C LEU C 187 -36.06 4.88 -5.88
N ALA C 188 -36.05 5.84 -4.96
CA ALA C 188 -37.26 6.37 -4.35
C ALA C 188 -37.49 7.79 -4.86
N ILE C 189 -38.68 8.04 -5.40
CA ILE C 189 -39.02 9.34 -5.97
C ILE C 189 -40.25 9.88 -5.27
N PRO C 190 -40.19 11.06 -4.65
CA PRO C 190 -41.39 11.64 -4.04
C PRO C 190 -42.39 12.09 -5.08
N VAL C 191 -43.66 12.04 -4.70
CA VAL C 191 -44.77 12.33 -5.60
C VAL C 191 -45.83 13.14 -4.85
N SER C 192 -46.75 13.70 -5.60
CA SER C 192 -47.85 14.52 -5.07
C SER C 192 -49.18 13.93 -5.53
N SER C 193 -50.26 14.52 -5.03
CA SER C 193 -51.60 13.98 -5.26
C SER C 193 -52.14 14.28 -6.65
N LEU C 194 -51.63 15.31 -7.32
CA LEU C 194 -52.16 15.70 -8.63
C LEU C 194 -51.92 14.60 -9.66
N ASN C 195 -52.73 14.64 -10.72
CA ASN C 195 -52.63 13.67 -11.81
C ASN C 195 -51.26 13.73 -12.45
N SER C 196 -50.57 12.59 -12.49
CA SER C 196 -49.23 12.54 -13.04
C SER C 196 -48.99 11.18 -13.69
N GLN C 197 -48.19 11.20 -14.77
CA GLN C 197 -47.81 10.01 -15.51
C GLN C 197 -46.30 9.82 -15.38
N TYR C 198 -45.89 8.84 -14.60
CA TYR C 198 -44.48 8.50 -14.41
C TYR C 198 -44.15 7.28 -15.25
N CYS C 199 -43.30 7.46 -16.25
CA CYS C 199 -42.80 6.36 -17.06
C CYS C 199 -41.30 6.24 -16.83
N VAL C 200 -40.84 5.02 -16.56
CA VAL C 200 -39.46 4.78 -16.14
C VAL C 200 -38.84 3.71 -17.03
N SER C 201 -37.65 4.00 -17.55
CA SER C 201 -36.82 3.02 -18.24
C SER C 201 -35.39 3.15 -17.72
N ALA C 202 -34.68 2.02 -17.69
CA ALA C 202 -33.37 1.96 -17.08
C ALA C 202 -32.42 1.14 -17.93
N GLU C 203 -31.15 1.53 -17.90
CA GLU C 203 -30.09 0.81 -18.61
C GLU C 203 -28.87 0.70 -17.72
N GLY C 204 -28.04 -0.29 -18.01
CA GLY C 204 -26.82 -0.54 -17.24
C GLY C 204 -25.59 -0.21 -18.06
N VAL C 205 -24.52 0.16 -17.35
CA VAL C 205 -23.24 0.50 -17.97
C VAL C 205 -22.16 -0.42 -17.42
N LEU C 206 -21.41 -1.05 -18.32
CA LEU C 206 -20.38 -2.01 -17.93
C LEU C 206 -19.15 -1.28 -17.38
N ASN C 207 -18.38 -2.02 -16.58
CA ASN C 207 -17.43 -1.37 -15.68
C ASN C 207 -16.28 -0.73 -16.44
N VAL C 208 -15.65 -1.46 -17.36
CA VAL C 208 -14.41 -1.01 -17.99
C VAL C 208 -14.67 -0.32 -19.32
N TRP C 209 -15.39 -0.97 -20.22
CA TRP C 209 -15.58 -0.44 -21.56
C TRP C 209 -16.84 0.39 -21.70
N GLY C 210 -17.63 0.53 -20.63
CA GLY C 210 -18.80 1.37 -20.69
C GLY C 210 -19.89 0.91 -21.61
N VAL C 211 -19.82 -0.35 -22.07
CA VAL C 211 -20.86 -0.90 -22.93
C VAL C 211 -22.20 -0.83 -22.23
N THR C 212 -23.17 -0.23 -22.89
CA THR C 212 -24.50 -0.06 -22.31
C THR C 212 -25.36 -1.28 -22.62
N THR C 213 -26.05 -1.78 -21.60
CA THR C 213 -27.01 -2.86 -21.82
C THR C 213 -28.21 -2.32 -22.59
N GLU C 214 -29.04 -3.25 -23.06
CA GLU C 214 -30.25 -2.86 -23.74
C GLU C 214 -31.15 -2.09 -22.77
N LYS C 215 -31.87 -1.12 -23.31
CA LYS C 215 -32.74 -0.31 -22.48
C LYS C 215 -33.97 -1.12 -22.07
N SER C 216 -34.36 -0.99 -20.81
CA SER C 216 -35.48 -1.75 -20.27
C SER C 216 -36.78 -1.33 -20.92
N LYS C 217 -37.74 -2.25 -20.92
CA LYS C 217 -39.09 -1.96 -21.39
C LYS C 217 -39.73 -0.92 -20.48
N GLU C 218 -40.16 0.19 -21.09
CA GLU C 218 -40.70 1.31 -20.32
C GLU C 218 -41.94 0.89 -19.52
N VAL C 219 -41.84 0.99 -18.19
CA VAL C 219 -42.95 0.73 -17.29
C VAL C 219 -43.45 2.07 -16.76
N CYS C 220 -44.76 2.27 -16.79
CA CYS C 220 -45.39 3.52 -16.39
C CYS C 220 -46.27 3.30 -15.16
N ILE C 221 -46.74 4.42 -14.61
CA ILE C 221 -47.68 4.40 -13.49
C ILE C 221 -48.38 5.75 -13.44
N THR C 222 -49.60 5.77 -12.91
CA THR C 222 -50.45 6.96 -12.95
C THR C 222 -50.92 7.29 -11.54
N ILE C 223 -51.19 8.57 -11.31
CA ILE C 223 -51.67 9.08 -10.04
C ILE C 223 -53.12 9.51 -10.29
N PHE C 224 -54.07 8.63 -9.93
CA PHE C 224 -55.47 8.93 -10.18
C PHE C 224 -56.04 9.88 -9.13
N ASN C 225 -55.65 9.71 -7.87
CA ASN C 225 -56.19 10.49 -6.76
C ASN C 225 -55.84 11.98 -6.90
N SER D 13 54.85 23.86 10.77
CA SER D 13 53.44 23.57 10.59
C SER D 13 52.79 23.22 11.93
N VAL D 14 51.67 23.88 12.22
CA VAL D 14 50.95 23.65 13.48
C VAL D 14 50.49 22.20 13.53
N PRO D 15 50.66 21.50 14.64
CA PRO D 15 50.28 20.07 14.69
C PRO D 15 48.76 19.90 14.72
N THR D 16 48.30 18.76 14.20
CA THR D 16 46.87 18.48 14.18
C THR D 16 46.41 17.89 15.52
N PRO D 17 45.19 18.20 15.95
CA PRO D 17 44.68 17.63 17.20
C PRO D 17 44.54 16.12 17.09
N THR D 18 44.36 15.49 18.26
CA THR D 18 44.30 14.04 18.34
C THR D 18 43.16 13.63 19.27
N ASN D 19 42.78 12.35 19.16
CA ASN D 19 41.79 11.72 20.03
C ASN D 19 40.49 12.53 20.11
N VAL D 20 39.82 12.67 18.96
CA VAL D 20 38.53 13.33 18.92
C VAL D 20 37.45 12.31 19.29
N THR D 21 36.61 12.66 20.25
CA THR D 21 35.56 11.77 20.72
C THR D 21 34.28 12.58 20.92
N ILE D 22 33.15 11.88 20.88
CA ILE D 22 31.85 12.50 21.11
C ILE D 22 31.12 11.71 22.18
N GLU D 23 30.68 12.38 23.24
CA GLU D 23 29.93 11.76 24.33
C GLU D 23 28.62 12.51 24.48
N SER D 24 27.51 11.79 24.41
CA SER D 24 26.17 12.37 24.50
C SER D 24 25.42 11.77 25.67
N TYR D 25 24.78 12.63 26.46
CA TYR D 25 23.87 12.22 27.52
C TYR D 25 22.60 13.05 27.39
N ASN D 26 21.46 12.36 27.32
CA ASN D 26 20.17 13.01 27.09
C ASN D 26 20.19 13.83 25.80
N MET D 27 20.77 13.25 24.75
CA MET D 27 20.79 13.83 23.41
C MET D 27 21.49 15.19 23.38
N ASN D 28 22.40 15.42 24.32
CA ASN D 28 23.22 16.63 24.35
C ASN D 28 24.67 16.24 24.11
N PRO D 29 25.11 16.12 22.86
CA PRO D 29 26.46 15.62 22.61
C PRO D 29 27.51 16.71 22.72
N ILE D 30 28.65 16.33 23.31
CA ILE D 30 29.80 17.22 23.44
C ILE D 30 30.99 16.58 22.74
N VAL D 31 31.78 17.41 22.08
CA VAL D 31 32.97 16.97 21.37
C VAL D 31 34.19 17.24 22.25
N TYR D 32 35.04 16.25 22.38
CA TYR D 32 36.26 16.37 23.15
C TYR D 32 37.47 16.02 22.28
N TRP D 33 38.60 16.62 22.61
CA TRP D 33 39.83 16.31 21.89
C TRP D 33 41.02 16.67 22.78
N GLU D 34 42.17 16.11 22.42
CA GLU D 34 43.42 16.33 23.12
C GLU D 34 44.36 17.14 22.24
N TYR D 35 45.18 17.98 22.87
CA TYR D 35 46.16 18.78 22.15
C TYR D 35 47.41 18.89 23.00
N GLN D 36 48.57 18.92 22.34
CA GLN D 36 49.82 19.02 23.05
C GLN D 36 50.03 20.42 23.60
N ILE D 37 50.75 20.51 24.72
CA ILE D 37 51.04 21.79 25.33
C ILE D 37 52.09 22.52 24.49
N MET D 38 51.91 23.82 24.32
CA MET D 38 52.78 24.65 23.49
C MET D 38 53.01 25.98 24.19
N PRO D 39 54.08 26.70 23.82
CA PRO D 39 54.30 28.02 24.43
C PRO D 39 53.13 28.97 24.25
N GLN D 40 52.55 29.01 23.05
CA GLN D 40 51.35 29.81 22.84
C GLN D 40 50.12 29.03 23.27
N VAL D 41 49.02 29.75 23.44
CA VAL D 41 47.72 29.14 23.73
C VAL D 41 46.97 29.01 22.40
N PRO D 42 46.71 27.79 21.93
CA PRO D 42 46.04 27.64 20.64
C PRO D 42 44.52 27.77 20.78
N VAL D 43 43.89 28.17 19.68
CA VAL D 43 42.45 28.24 19.59
C VAL D 43 41.99 27.26 18.52
N PHE D 44 40.77 26.76 18.68
CA PHE D 44 40.25 25.73 17.79
C PHE D 44 38.90 26.15 17.21
N THR D 45 38.54 25.51 16.09
CA THR D 45 37.24 25.65 15.48
C THR D 45 36.65 24.26 15.26
N VAL D 46 35.38 24.08 15.64
CA VAL D 46 34.72 22.79 15.56
C VAL D 46 33.64 22.87 14.50
N GLU D 47 33.66 21.94 13.55
CA GLU D 47 32.74 21.94 12.43
C GLU D 47 31.96 20.62 12.40
N VAL D 48 30.65 20.73 12.20
CA VAL D 48 29.74 19.59 12.20
C VAL D 48 29.14 19.44 10.81
N LYS D 49 28.92 18.20 10.39
CA LYS D 49 28.27 17.89 9.12
C LYS D 49 27.23 16.81 9.37
N ASN D 50 25.96 17.15 9.18
CA ASN D 50 24.87 16.22 9.44
C ASN D 50 24.52 15.44 8.17
N TYR D 51 24.01 14.23 8.38
CA TYR D 51 23.41 13.46 7.30
C TYR D 51 21.93 13.76 7.23
N GLY D 52 21.43 14.00 6.02
CA GLY D 52 20.02 14.22 5.81
C GLY D 52 19.59 15.66 5.60
N VAL D 53 20.52 16.56 5.32
CA VAL D 53 20.20 17.94 4.99
C VAL D 53 20.65 18.20 3.55
N LYS D 54 19.81 18.92 2.80
CA LYS D 54 20.10 19.20 1.40
C LYS D 54 21.37 20.05 1.28
N ASN D 55 22.21 19.67 0.30
CA ASN D 55 23.46 20.38 0.02
C ASN D 55 24.31 20.52 1.29
N SER D 56 24.48 19.38 1.97
CA SER D 56 25.12 19.38 3.28
C SER D 56 26.58 19.80 3.19
N GLU D 57 26.98 20.76 4.03
CA GLU D 57 28.36 21.17 4.17
C GLU D 57 28.65 21.38 5.65
N TRP D 58 29.93 21.48 5.98
CA TRP D 58 30.35 21.55 7.38
C TRP D 58 29.87 22.85 8.02
N ILE D 59 29.18 22.73 9.15
CA ILE D 59 28.61 23.86 9.89
C ILE D 59 29.51 24.18 11.07
N ASP D 60 29.83 25.46 11.25
CA ASP D 60 30.65 25.88 12.38
C ASP D 60 29.84 25.80 13.68
N ALA D 61 30.42 25.16 14.69
CA ALA D 61 29.80 25.04 16.01
C ALA D 61 30.47 25.97 17.02
N CYS D 62 31.77 25.81 17.24
CA CYS D 62 32.58 26.66 18.10
C CYS D 62 33.67 27.31 17.28
N ILE D 63 33.87 28.61 17.45
CA ILE D 63 34.77 29.40 16.62
C ILE D 63 35.86 29.99 17.50
N ASN D 64 37.11 29.70 17.14
CA ASN D 64 38.30 30.25 17.79
C ASN D 64 38.18 30.18 19.31
N ILE D 65 38.04 28.95 19.81
CA ILE D 65 37.87 28.71 21.24
C ILE D 65 39.14 28.07 21.78
N SER D 66 39.45 28.41 23.05
CA SER D 66 40.75 28.05 23.62
C SER D 66 40.73 26.75 24.41
N HIS D 67 39.55 26.24 24.80
CA HIS D 67 39.49 25.03 25.60
C HIS D 67 39.23 23.83 24.70
N HIS D 68 39.21 22.64 25.30
CA HIS D 68 39.17 21.37 24.57
C HIS D 68 37.78 20.73 24.54
N TYR D 69 36.72 21.52 24.37
CA TYR D 69 35.38 20.94 24.29
C TYR D 69 34.50 21.89 23.51
N CYS D 70 33.40 21.33 22.98
CA CYS D 70 32.46 22.09 22.18
C CYS D 70 31.09 21.41 22.23
N ASN D 71 30.11 22.11 22.82
CA ASN D 71 28.75 21.60 22.93
C ASN D 71 28.03 21.77 21.60
N ILE D 72 27.58 20.68 21.00
CA ILE D 72 26.96 20.72 19.68
C ILE D 72 25.50 20.28 19.75
N SER D 73 24.82 20.60 20.85
CA SER D 73 23.41 20.21 20.98
C SER D 73 22.54 20.88 19.93
N ASP D 74 22.90 22.10 19.52
CA ASP D 74 22.11 22.80 18.52
C ASP D 74 22.26 22.21 17.13
N HIS D 75 23.34 21.46 16.88
CA HIS D 75 23.58 20.85 15.58
C HIS D 75 23.06 19.42 15.51
N VAL D 76 22.18 19.02 16.42
CA VAL D 76 21.59 17.68 16.41
C VAL D 76 20.26 17.76 15.67
N GLY D 77 20.19 17.16 14.50
CA GLY D 77 18.93 17.05 13.79
C GLY D 77 18.13 15.87 14.30
N ASP D 78 18.09 14.81 13.52
CA ASP D 78 17.43 13.59 13.95
C ASP D 78 18.38 12.81 14.86
N PRO D 79 17.95 12.44 16.07
CA PRO D 79 18.83 11.63 16.95
C PRO D 79 19.21 10.27 16.36
N SER D 80 18.54 9.83 15.29
CA SER D 80 18.90 8.60 14.60
C SER D 80 19.71 8.85 13.33
N ASN D 81 19.92 10.12 12.97
CA ASN D 81 20.73 10.49 11.81
C ASN D 81 22.19 10.61 12.18
N SER D 82 23.06 10.04 11.35
CA SER D 82 24.49 10.13 11.59
C SER D 82 24.98 11.57 11.45
N LEU D 83 26.01 11.91 12.22
CA LEU D 83 26.66 13.22 12.09
C LEU D 83 28.16 13.04 12.30
N TRP D 84 28.92 13.90 11.63
CA TRP D 84 30.37 13.88 11.73
C TRP D 84 30.88 15.21 12.27
N VAL D 85 31.99 15.15 12.98
CA VAL D 85 32.59 16.32 13.61
C VAL D 85 34.07 16.31 13.29
N ARG D 86 34.58 17.46 12.87
CA ARG D 86 36.00 17.66 12.62
C ARG D 86 36.43 18.95 13.28
N VAL D 87 37.69 19.00 13.68
CA VAL D 87 38.21 20.14 14.43
C VAL D 87 39.63 20.41 13.96
N LYS D 88 39.95 21.70 13.82
CA LYS D 88 41.28 22.16 13.44
C LYS D 88 41.79 23.14 14.47
N ALA D 89 43.11 23.33 14.50
CA ALA D 89 43.75 24.22 15.46
C ALA D 89 44.36 25.42 14.75
N ARG D 90 44.28 26.58 15.40
CA ARG D 90 44.89 27.80 14.91
C ARG D 90 45.81 28.37 15.99
N VAL D 91 47.06 28.62 15.63
CA VAL D 91 48.02 29.30 16.50
C VAL D 91 48.56 30.50 15.74
N GLY D 92 48.39 31.69 16.30
CA GLY D 92 48.74 32.90 15.59
C GLY D 92 47.86 33.06 14.36
N GLN D 93 48.47 32.99 13.18
CA GLN D 93 47.74 33.08 11.92
C GLN D 93 47.88 31.85 11.04
N LYS D 94 48.45 30.76 11.55
CA LYS D 94 48.61 29.51 10.80
C LYS D 94 47.70 28.44 11.40
N GLU D 95 47.03 27.68 10.54
CA GLU D 95 46.08 26.65 10.95
C GLU D 95 46.61 25.27 10.65
N SER D 96 45.97 24.26 11.23
CA SER D 96 46.38 22.87 11.10
C SER D 96 45.36 22.09 10.29
N ALA D 97 45.73 20.85 9.96
CA ALA D 97 44.81 19.97 9.28
C ALA D 97 43.69 19.54 10.23
N TYR D 98 42.58 19.12 9.63
CA TYR D 98 41.41 18.74 10.40
C TYR D 98 41.60 17.35 11.01
N ALA D 99 40.97 17.15 12.18
CA ALA D 99 40.93 15.87 12.86
C ALA D 99 39.48 15.39 12.84
N LYS D 100 39.17 14.48 11.95
CA LYS D 100 37.80 14.03 11.77
C LYS D 100 37.48 12.91 12.74
N SER D 101 36.23 12.88 13.19
CA SER D 101 35.78 11.87 14.14
C SER D 101 35.00 10.77 13.42
N GLU D 102 34.81 9.66 14.12
CA GLU D 102 33.96 8.60 13.62
C GLU D 102 32.53 9.09 13.55
N GLU D 103 31.72 8.41 12.73
CA GLU D 103 30.31 8.77 12.63
C GLU D 103 29.63 8.58 13.98
N PHE D 104 28.68 9.45 14.27
CA PHE D 104 28.04 9.50 15.59
C PHE D 104 26.53 9.56 15.41
N ALA D 105 25.83 8.55 15.93
CA ALA D 105 24.38 8.53 16.00
C ALA D 105 23.98 8.69 17.46
N VAL D 106 23.27 9.78 17.77
CA VAL D 106 22.88 10.06 19.16
C VAL D 106 22.09 8.90 19.74
N CYS D 107 21.24 8.27 18.94
CA CYS D 107 20.44 7.17 19.46
C CYS D 107 21.30 5.95 19.75
N ARG D 108 22.30 5.69 18.91
CA ARG D 108 23.12 4.49 19.05
C ARG D 108 24.23 4.69 20.07
N ASP D 109 25.05 5.72 19.88
CA ASP D 109 26.24 5.92 20.71
C ASP D 109 25.97 6.67 22.00
N GLY D 110 24.88 7.44 22.06
CA GLY D 110 24.58 8.21 23.24
C GLY D 110 23.97 7.37 24.35
N LYS D 111 23.66 8.04 25.46
CA LYS D 111 23.04 7.41 26.62
C LYS D 111 21.91 8.29 27.11
N ILE D 112 20.86 7.66 27.64
CA ILE D 112 19.66 8.36 28.07
C ILE D 112 19.45 8.15 29.56
N GLY D 113 18.90 9.19 30.21
CA GLY D 113 18.67 9.16 31.63
C GLY D 113 17.65 8.12 32.03
N PRO D 114 17.54 7.85 33.32
CA PRO D 114 16.63 6.83 33.80
C PRO D 114 15.21 7.35 33.88
N PRO D 115 14.22 6.47 33.79
CA PRO D 115 12.83 6.90 34.01
C PRO D 115 12.57 7.14 35.49
N LYS D 116 11.55 7.93 35.76
CA LYS D 116 11.15 8.23 37.13
C LYS D 116 10.04 7.27 37.55
N LEU D 117 10.25 6.57 38.65
CA LEU D 117 9.32 5.56 39.15
C LEU D 117 8.59 6.10 40.39
N ASP D 118 7.28 5.85 40.44
CA ASP D 118 6.44 6.19 41.57
C ASP D 118 5.62 4.96 41.95
N ILE D 119 5.45 4.73 43.24
CA ILE D 119 4.75 3.55 43.73
C ILE D 119 3.71 4.00 44.76
N ARG D 120 2.56 3.32 44.75
CA ARG D 120 1.46 3.68 45.64
C ARG D 120 0.55 2.46 45.80
N LYS D 121 -0.06 2.35 46.97
CA LYS D 121 -0.89 1.21 47.31
C LYS D 121 -2.34 1.45 46.91
N GLU D 122 -3.02 0.36 46.57
CA GLU D 122 -4.45 0.36 46.33
C GLU D 122 -5.06 -0.79 47.14
N GLU D 123 -6.36 -1.00 47.00
CA GLU D 123 -7.05 -1.97 47.84
C GLU D 123 -6.56 -3.40 47.57
N LYS D 124 -6.42 -3.76 46.29
CA LYS D 124 -6.07 -5.12 45.91
C LYS D 124 -4.82 -5.22 45.04
N GLN D 125 -4.14 -4.11 44.78
CA GLN D 125 -3.03 -4.10 43.85
C GLN D 125 -2.07 -2.97 44.20
N ILE D 126 -0.99 -2.88 43.43
CA ILE D 126 -0.01 -1.80 43.55
C ILE D 126 0.11 -1.14 42.18
N MET D 127 0.00 0.19 42.15
CA MET D 127 0.06 0.95 40.90
C MET D 127 1.46 1.53 40.76
N ILE D 128 2.19 1.03 39.77
CA ILE D 128 3.56 1.47 39.49
C ILE D 128 3.51 2.44 38.32
N ASP D 129 3.97 3.67 38.54
CA ASP D 129 3.99 4.68 37.50
C ASP D 129 5.41 4.81 36.95
N ILE D 130 5.54 4.74 35.63
CA ILE D 130 6.82 4.84 34.95
C ILE D 130 6.79 6.11 34.13
N PHE D 131 7.36 7.18 34.66
CA PHE D 131 7.43 8.44 33.95
C PHE D 131 8.58 8.40 32.95
N HIS D 132 8.32 8.87 31.74
CA HIS D 132 9.34 8.85 30.70
C HIS D 132 10.53 9.72 31.13
N PRO D 133 11.74 9.37 30.68
CA PRO D 133 12.92 10.17 31.02
C PRO D 133 12.76 11.64 30.66
N SER D 134 13.52 12.47 31.36
CA SER D 134 13.40 13.92 31.20
C SER D 134 13.74 14.41 29.79
N VAL D 135 14.23 13.53 28.92
CA VAL D 135 14.58 13.94 27.57
C VAL D 135 13.33 14.35 26.81
N PHE D 136 12.28 13.54 26.91
CA PHE D 136 11.04 13.73 26.15
C PHE D 136 10.16 14.74 26.88
N VAL D 137 10.66 15.98 26.91
CA VAL D 137 10.00 17.10 27.60
C VAL D 137 9.49 18.06 26.54
N ASN D 138 8.17 18.22 26.50
CA ASN D 138 7.55 19.12 25.52
C ASN D 138 8.09 20.54 25.64
N GLY D 139 8.32 20.99 26.87
CA GLY D 139 8.84 22.32 27.10
C GLY D 139 7.76 23.39 27.16
N PRO D 148 11.50 15.34 17.32
CA PRO D 148 10.48 15.74 16.34
C PRO D 148 10.04 14.59 15.43
N GLU D 149 9.21 13.69 15.94
CA GLU D 149 8.73 12.54 15.16
C GLU D 149 9.91 11.79 14.55
N THR D 150 10.88 11.48 15.40
CA THR D 150 12.09 10.78 15.01
C THR D 150 11.93 9.29 15.25
N ILE D 151 12.90 8.53 14.72
CA ILE D 151 12.92 7.09 14.94
C ILE D 151 13.25 6.79 16.40
N CYS D 152 14.00 7.67 17.07
CA CYS D 152 14.58 7.39 18.37
C CYS D 152 13.52 7.64 19.45
N TYR D 153 12.94 6.56 19.97
CA TYR D 153 12.08 6.64 21.14
C TYR D 153 12.07 5.28 21.84
N ILE D 154 11.26 5.18 22.89
CA ILE D 154 11.22 3.98 23.72
C ILE D 154 10.15 3.05 23.16
N ARG D 155 10.49 1.78 22.98
CA ARG D 155 9.52 0.82 22.48
C ARG D 155 8.99 -0.11 23.57
N VAL D 156 9.84 -0.51 24.53
CA VAL D 156 9.44 -1.34 25.65
C VAL D 156 10.11 -0.83 26.91
N TYR D 157 9.45 -1.05 28.05
CA TYR D 157 10.00 -0.76 29.37
C TYR D 157 10.25 -2.09 30.07
N ASN D 158 11.50 -2.32 30.46
CA ASN D 158 11.85 -3.48 31.27
C ASN D 158 11.71 -3.07 32.74
N VAL D 159 10.62 -3.48 33.37
CA VAL D 159 10.31 -3.13 34.74
C VAL D 159 10.57 -4.36 35.60
N TYR D 160 11.59 -4.28 36.46
CA TYR D 160 11.98 -5.38 37.32
C TYR D 160 11.34 -5.19 38.69
N VAL D 161 10.53 -6.16 39.10
CA VAL D 161 9.78 -6.10 40.35
C VAL D 161 10.25 -7.26 41.22
N ARG D 162 10.94 -6.92 42.31
CA ARG D 162 11.46 -7.91 43.25
C ARG D 162 10.55 -7.96 44.46
N LYS D 163 9.88 -9.10 44.66
CA LYS D 163 9.01 -9.34 45.80
C LYS D 163 9.70 -10.35 46.69
N ASN D 164 10.14 -9.90 47.87
CA ASN D 164 10.91 -10.72 48.81
C ASN D 164 12.20 -11.16 48.13
N GLY D 165 12.48 -12.46 47.96
CA GLY D 165 13.77 -12.85 47.42
C GLY D 165 13.93 -12.78 45.91
N SER D 166 12.84 -12.85 45.15
CA SER D 166 12.92 -13.05 43.72
C SER D 166 12.32 -11.88 42.94
N GLU D 167 12.94 -11.55 41.82
CA GLU D 167 12.49 -10.50 40.92
C GLU D 167 12.07 -11.12 39.58
N ILE D 168 11.01 -10.58 38.99
CA ILE D 168 10.53 -11.02 37.68
C ILE D 168 10.40 -9.81 36.77
N LYS D 169 10.83 -9.97 35.51
CA LYS D 169 10.88 -8.89 34.55
C LYS D 169 9.52 -8.74 33.84
N TYR D 170 9.04 -7.50 33.76
CA TYR D 170 7.84 -7.15 33.04
C TYR D 170 8.20 -6.38 31.78
N LYS D 171 7.26 -6.36 30.83
CA LYS D 171 7.45 -5.66 29.57
C LYS D 171 6.21 -4.85 29.26
N ILE D 172 6.37 -3.54 29.14
CA ILE D 172 5.30 -2.61 28.82
C ILE D 172 5.65 -1.93 27.51
N LEU D 173 4.83 -2.13 26.49
CA LEU D 173 5.07 -1.55 25.17
C LEU D 173 4.43 -0.17 25.09
N THR D 174 5.18 0.78 24.53
CA THR D 174 4.67 2.14 24.39
C THR D 174 3.46 2.19 23.46
N GLN D 175 3.41 1.31 22.46
CA GLN D 175 2.32 1.30 21.49
C GLN D 175 0.98 0.95 22.13
N ASN D 176 0.97 0.39 23.34
CA ASN D 176 -0.27 0.01 24.00
C ASN D 176 -0.93 1.27 24.58
N GLU D 177 -2.01 1.72 23.94
CA GLU D 177 -2.68 2.94 24.41
C GLU D 177 -3.29 2.75 25.80
N ASP D 178 -3.65 1.51 26.16
CA ASP D 178 -4.29 1.26 27.44
C ASP D 178 -3.32 1.24 28.61
N ASP D 179 -2.01 1.10 28.36
CA ASP D 179 -1.02 1.03 29.42
C ASP D 179 -0.11 2.26 29.52
N CYS D 180 0.05 3.03 28.44
CA CYS D 180 0.95 4.17 28.43
C CYS D 180 0.29 5.37 27.79
N ASP D 181 0.61 6.55 28.32
CA ASP D 181 0.29 7.81 27.66
C ASP D 181 1.62 8.50 27.37
N GLU D 182 1.56 9.76 26.91
CA GLU D 182 2.76 10.51 26.58
C GLU D 182 3.47 11.05 27.82
N ILE D 183 2.83 11.01 28.97
CA ILE D 183 3.39 11.54 30.21
C ILE D 183 3.77 10.45 31.19
N ARG D 184 3.15 9.28 31.13
CA ARG D 184 3.34 8.27 32.16
C ARG D 184 3.02 6.89 31.58
N CYS D 185 3.46 5.86 32.30
CA CYS D 185 3.11 4.47 32.04
C CYS D 185 2.80 3.82 33.36
N GLN D 186 1.81 2.92 33.39
CA GLN D 186 1.38 2.31 34.63
C GLN D 186 1.37 0.79 34.49
N LEU D 187 1.57 0.11 35.63
CA LEU D 187 1.52 -1.34 35.72
C LEU D 187 0.91 -1.70 37.06
N ALA D 188 -0.08 -2.59 37.05
CA ALA D 188 -0.79 -2.99 38.25
C ALA D 188 -0.43 -4.42 38.62
N ILE D 189 0.02 -4.61 39.85
CA ILE D 189 0.45 -5.90 40.36
C ILE D 189 -0.39 -6.23 41.59
N PRO D 190 -1.12 -7.35 41.60
CA PRO D 190 -1.89 -7.70 42.79
C PRO D 190 -0.99 -8.12 43.94
N VAL D 191 -1.48 -7.86 45.16
CA VAL D 191 -0.73 -8.11 46.39
C VAL D 191 -1.68 -8.69 47.44
N SER D 192 -1.09 -9.19 48.51
CA SER D 192 -1.84 -9.75 49.64
C SER D 192 -1.44 -9.04 50.92
N SER D 193 -2.15 -9.37 52.01
CA SER D 193 -1.96 -8.68 53.27
C SER D 193 -0.71 -9.13 54.02
N LEU D 194 -0.19 -10.32 53.74
CA LEU D 194 0.97 -10.82 54.45
C LEU D 194 2.19 -9.95 54.16
N ASN D 195 3.18 -10.04 55.05
CA ASN D 195 4.40 -9.26 54.91
C ASN D 195 5.10 -9.57 53.59
N SER D 196 5.31 -8.54 52.79
CA SER D 196 5.99 -8.68 51.51
C SER D 196 6.70 -7.36 51.23
N GLN D 197 7.86 -7.45 50.59
CA GLN D 197 8.66 -6.28 50.25
C GLN D 197 8.78 -6.21 48.72
N TYR D 198 8.10 -5.23 48.12
CA TYR D 198 8.10 -5.06 46.67
C TYR D 198 9.05 -3.92 46.32
N CYS D 199 10.12 -4.24 45.61
CA CYS D 199 11.09 -3.26 45.11
C CYS D 199 11.04 -3.27 43.58
N VAL D 200 10.95 -2.08 42.99
CA VAL D 200 10.70 -1.94 41.56
C VAL D 200 11.76 -1.02 40.96
N SER D 201 12.40 -1.50 39.88
CA SER D 201 13.28 -0.68 39.06
C SER D 201 12.94 -0.92 37.60
N ALA D 202 13.09 0.12 36.79
CA ALA D 202 12.65 0.07 35.40
C ALA D 202 13.68 0.73 34.50
N GLU D 203 13.79 0.20 33.29
CA GLU D 203 14.68 0.74 32.26
C GLU D 203 13.94 0.68 30.92
N GLY D 204 14.36 1.55 30.01
CA GLY D 204 13.76 1.64 28.69
C GLY D 204 14.69 1.13 27.61
N VAL D 205 14.11 0.65 26.52
CA VAL D 205 14.85 0.13 25.38
C VAL D 205 14.49 0.95 24.15
N LEU D 206 15.50 1.43 23.44
CA LEU D 206 15.28 2.27 22.26
C LEU D 206 14.89 1.43 21.05
N ASN D 207 14.27 2.10 20.08
CA ASN D 207 13.55 1.38 19.04
C ASN D 207 14.50 0.65 18.09
N VAL D 208 15.52 1.33 17.60
CA VAL D 208 16.31 0.78 16.50
C VAL D 208 17.51 0.00 16.99
N TRP D 209 18.33 0.62 17.81
CA TRP D 209 19.58 0.01 18.23
C TRP D 209 19.48 -0.73 19.56
N GLY D 210 18.31 -0.72 20.21
CA GLY D 210 18.16 -1.44 21.45
C GLY D 210 18.99 -0.90 22.60
N VAL D 211 19.53 0.30 22.46
CA VAL D 211 20.33 0.91 23.52
C VAL D 211 19.48 1.06 24.78
N THR D 212 19.99 0.56 25.90
CA THR D 212 19.26 0.58 27.16
C THR D 212 19.53 1.90 27.87
N THR D 213 18.46 2.53 28.36
CA THR D 213 18.62 3.71 29.19
C THR D 213 19.18 3.31 30.55
N GLU D 214 19.59 4.32 31.32
CA GLU D 214 20.06 4.05 32.68
C GLU D 214 18.91 3.48 33.51
N LYS D 215 19.27 2.58 34.42
CA LYS D 215 18.27 1.94 35.26
C LYS D 215 17.77 2.91 36.31
N SER D 216 16.46 2.92 36.52
CA SER D 216 15.85 3.84 37.47
C SER D 216 16.28 3.50 38.90
N LYS D 217 16.24 4.51 39.75
CA LYS D 217 16.51 4.28 41.17
C LYS D 217 15.43 3.37 41.74
N GLU D 218 15.83 2.21 42.25
CA GLU D 218 14.88 1.22 42.75
C GLU D 218 14.08 1.79 43.90
N VAL D 219 12.76 1.89 43.71
CA VAL D 219 11.84 2.34 44.75
C VAL D 219 11.11 1.13 45.30
N CYS D 220 11.01 1.04 46.63
CA CYS D 220 10.41 -0.10 47.31
C CYS D 220 9.14 0.35 48.04
N ILE D 221 8.40 -0.65 48.52
CA ILE D 221 7.23 -0.41 49.36
C ILE D 221 6.92 -1.72 50.08
N THR D 222 6.31 -1.61 51.26
CA THR D 222 6.07 -2.76 52.12
C THR D 222 4.61 -2.82 52.53
N ILE D 223 4.15 -4.02 52.84
CA ILE D 223 2.77 -4.24 53.27
C ILE D 223 2.74 -4.61 54.75
N SER E 3 35.69 -39.69 -1.40
CA SER E 3 34.70 -40.56 -2.02
C SER E 3 33.36 -40.46 -1.27
N GLN E 4 32.84 -41.60 -0.83
CA GLN E 4 31.54 -41.67 -0.20
C GLN E 4 31.65 -42.28 1.19
N LEU E 5 30.95 -41.67 2.14
CA LEU E 5 30.85 -42.13 3.52
C LEU E 5 29.39 -42.30 3.89
N PRO E 6 29.10 -43.06 4.94
CA PRO E 6 27.71 -43.16 5.40
C PRO E 6 27.23 -41.86 6.05
N ALA E 7 26.01 -41.47 5.69
CA ALA E 7 25.45 -40.24 6.21
C ALA E 7 25.07 -40.41 7.68
N PRO E 8 25.12 -39.34 8.47
CA PRO E 8 24.71 -39.43 9.88
C PRO E 8 23.27 -39.90 10.02
N GLN E 9 23.02 -40.68 11.06
CA GLN E 9 21.72 -41.33 11.26
C GLN E 9 20.81 -40.49 12.15
N HIS E 10 19.52 -40.48 11.82
CA HIS E 10 18.42 -39.91 12.60
C HIS E 10 18.75 -38.57 13.27
N PRO E 11 18.81 -37.49 12.51
CA PRO E 11 19.03 -36.17 13.12
C PRO E 11 17.74 -35.63 13.72
N LYS E 12 17.90 -34.78 14.73
CA LYS E 12 16.76 -34.23 15.45
C LYS E 12 17.00 -32.76 15.75
N ILE E 13 15.94 -31.97 15.67
CA ILE E 13 15.99 -30.54 15.98
C ILE E 13 15.19 -30.32 17.26
N ARG E 14 15.87 -29.89 18.32
CA ARG E 14 15.23 -29.59 19.60
C ARG E 14 14.88 -28.11 19.65
N LEU E 15 13.59 -27.80 19.55
CA LEU E 15 13.10 -26.42 19.65
C LEU E 15 12.27 -26.30 20.92
N TYR E 16 12.97 -26.21 22.06
CA TYR E 16 12.36 -26.06 23.36
C TYR E 16 12.76 -24.70 23.92
N ASN E 17 11.76 -23.88 24.26
CA ASN E 17 11.97 -22.52 24.80
C ASN E 17 12.86 -21.74 23.82
N ALA E 18 13.97 -21.17 24.27
CA ALA E 18 14.89 -20.44 23.42
C ALA E 18 16.05 -21.30 22.93
N GLU E 19 16.05 -22.58 23.23
CA GLU E 19 17.14 -23.45 22.82
C GLU E 19 16.99 -23.86 21.36
N GLN E 20 18.14 -24.05 20.70
CA GLN E 20 18.20 -24.50 19.31
C GLN E 20 19.38 -25.45 19.21
N VAL E 21 19.11 -26.75 19.31
CA VAL E 21 20.14 -27.78 19.34
C VAL E 21 19.87 -28.78 18.23
N LEU E 22 20.85 -28.99 17.35
CA LEU E 22 20.80 -30.03 16.33
C LEU E 22 21.67 -31.20 16.77
N SER E 23 21.10 -32.39 16.80
CA SER E 23 21.81 -33.58 17.23
C SER E 23 21.65 -34.67 16.19
N TRP E 24 22.56 -35.65 16.25
CA TRP E 24 22.55 -36.75 15.31
C TRP E 24 23.33 -37.91 15.92
N GLU E 25 23.14 -39.09 15.33
CA GLU E 25 23.90 -40.25 15.78
C GLU E 25 25.28 -40.25 15.14
N PRO E 26 26.32 -40.64 15.87
CA PRO E 26 27.67 -40.60 15.32
C PRO E 26 27.84 -41.58 14.17
N VAL E 27 28.83 -41.30 13.33
CA VAL E 27 29.17 -42.14 12.20
C VAL E 27 30.49 -42.83 12.51
N ALA E 28 30.49 -44.15 12.46
CA ALA E 28 31.66 -44.96 12.72
C ALA E 28 31.93 -45.86 11.52
N LEU E 29 33.17 -46.32 11.42
CA LEU E 29 33.57 -47.26 10.38
C LEU E 29 34.11 -48.53 11.04
N SER E 30 34.15 -49.61 10.26
CA SER E 30 34.83 -50.80 10.73
C SER E 30 36.33 -50.55 10.78
N ASN E 31 36.89 -50.05 9.68
CA ASN E 31 38.29 -49.64 9.59
C ASN E 31 38.35 -48.13 9.80
N SER E 32 38.47 -47.72 11.06
CA SER E 32 38.48 -46.31 11.42
C SER E 32 39.88 -45.93 11.89
N THR E 33 40.50 -44.98 11.19
CA THR E 33 41.86 -44.53 11.48
C THR E 33 41.91 -43.28 12.34
N ARG E 34 40.97 -42.36 12.15
CA ARG E 34 40.91 -41.11 12.91
C ARG E 34 39.45 -40.80 13.15
N PRO E 35 39.14 -40.01 14.18
CA PRO E 35 37.73 -39.71 14.45
C PRO E 35 37.13 -38.94 13.30
N VAL E 36 35.89 -39.28 12.95
CA VAL E 36 35.20 -38.62 11.86
C VAL E 36 34.66 -37.28 12.36
N VAL E 37 34.79 -36.25 11.53
CA VAL E 37 34.28 -34.95 11.85
C VAL E 37 32.99 -34.73 11.06
N TYR E 38 32.25 -33.68 11.42
CA TYR E 38 30.97 -33.38 10.79
C TYR E 38 30.93 -31.91 10.41
N GLN E 39 30.13 -31.60 9.40
CA GLN E 39 29.93 -30.24 8.95
C GLN E 39 28.45 -29.92 8.91
N VAL E 40 28.06 -28.85 9.58
CA VAL E 40 26.69 -28.39 9.62
C VAL E 40 26.58 -27.11 8.81
N GLN E 41 25.50 -26.98 8.05
CA GLN E 41 25.27 -25.80 7.22
C GLN E 41 23.82 -25.36 7.35
N PHE E 42 23.61 -24.05 7.25
CA PHE E 42 22.28 -23.46 7.33
C PHE E 42 22.03 -22.57 6.13
N LYS E 43 20.75 -22.42 5.80
CA LYS E 43 20.34 -21.63 4.64
C LYS E 43 18.97 -21.05 4.92
N TYR E 44 18.70 -19.88 4.36
CA TYR E 44 17.40 -19.24 4.48
C TYR E 44 16.49 -19.72 3.34
N THR E 45 15.33 -19.07 3.19
CA THR E 45 14.30 -19.61 2.30
C THR E 45 14.78 -19.71 0.86
N ASP E 46 15.34 -18.63 0.32
CA ASP E 46 15.93 -18.61 -1.03
C ASP E 46 17.28 -17.92 -0.91
N SER E 47 18.28 -18.66 -0.42
CA SER E 47 19.57 -18.09 -0.08
C SER E 47 20.65 -19.09 -0.44
N LYS E 48 21.88 -18.77 -0.07
CA LYS E 48 23.02 -19.65 -0.28
C LYS E 48 23.32 -20.42 0.99
N TRP E 49 23.90 -21.60 0.84
CA TRP E 49 24.32 -22.38 1.99
C TRP E 49 25.55 -21.76 2.63
N PHE E 50 25.52 -21.61 3.94
CA PHE E 50 26.64 -21.08 4.70
C PHE E 50 27.22 -22.18 5.59
N THR E 51 28.54 -22.15 5.77
CA THR E 51 29.17 -23.03 6.74
C THR E 51 28.90 -22.48 8.13
N ALA E 52 28.58 -23.36 9.06
CA ALA E 52 28.27 -22.93 10.43
C ALA E 52 29.59 -22.73 11.16
N ASP E 53 30.13 -21.52 11.04
CA ASP E 53 31.41 -21.16 11.62
C ASP E 53 31.24 -19.96 12.53
N ILE E 54 32.24 -19.72 13.37
CA ILE E 54 32.18 -18.71 14.42
C ILE E 54 31.77 -17.34 13.88
N MET E 55 32.16 -17.01 12.65
CA MET E 55 31.73 -15.73 12.10
C MET E 55 30.26 -15.74 11.69
N SER E 56 29.80 -16.82 11.05
CA SER E 56 28.42 -16.86 10.55
C SER E 56 27.40 -16.92 11.68
N ILE E 57 27.56 -17.85 12.62
CA ILE E 57 26.54 -18.09 13.63
C ILE E 57 27.07 -17.97 15.06
N GLY E 58 28.36 -17.71 15.25
CA GLY E 58 28.91 -17.49 16.57
C GLY E 58 29.30 -18.72 17.35
N VAL E 59 29.18 -19.91 16.75
CA VAL E 59 29.70 -21.15 17.32
C VAL E 59 30.32 -21.95 16.16
N ASN E 60 31.26 -22.82 16.51
CA ASN E 60 32.05 -23.56 15.53
C ASN E 60 31.43 -24.93 15.33
N CYS E 61 30.80 -25.12 14.16
CA CYS E 61 30.06 -26.34 13.86
C CYS E 61 30.54 -27.03 12.59
N THR E 62 31.76 -26.75 12.13
CA THR E 62 32.32 -27.43 10.98
C THR E 62 33.58 -28.18 11.38
N GLN E 63 33.70 -29.42 10.90
CA GLN E 63 34.82 -30.31 11.26
C GLN E 63 35.01 -30.40 12.77
N ILE E 64 33.90 -30.55 13.48
CA ILE E 64 33.90 -30.66 14.94
C ILE E 64 33.64 -32.13 15.29
N THR E 65 34.25 -32.58 16.38
CA THR E 65 34.16 -33.99 16.73
C THR E 65 32.84 -34.36 17.40
N ALA E 66 32.18 -33.40 18.04
CA ALA E 66 30.95 -33.70 18.75
C ALA E 66 29.84 -34.11 17.78
N THR E 67 28.86 -34.86 18.30
CA THR E 67 27.70 -35.29 17.54
C THR E 67 26.48 -34.40 17.80
N GLU E 68 26.71 -33.15 18.16
CA GLU E 68 25.64 -32.18 18.37
C GLU E 68 26.24 -30.79 18.25
N CYS E 69 25.35 -29.81 18.07
CA CYS E 69 25.77 -28.41 17.94
C CYS E 69 24.69 -27.51 18.52
N ASP E 70 25.08 -26.71 19.52
CA ASP E 70 24.14 -25.85 20.24
C ASP E 70 24.36 -24.42 19.76
N PHE E 71 23.39 -23.90 19.00
CA PHE E 71 23.52 -22.57 18.42
C PHE E 71 23.31 -21.45 19.43
N THR E 72 22.55 -21.71 20.50
CA THR E 72 22.15 -20.69 21.47
C THR E 72 23.00 -20.67 22.73
N ALA E 73 24.13 -21.39 22.74
CA ALA E 73 24.89 -21.54 23.98
C ALA E 73 25.68 -20.29 24.34
N ALA E 74 26.16 -19.55 23.34
CA ALA E 74 27.16 -18.51 23.60
C ALA E 74 26.62 -17.38 24.47
N SER E 75 25.51 -16.77 24.07
CA SER E 75 25.06 -15.53 24.70
C SER E 75 23.57 -15.33 24.44
N PRO E 76 22.91 -14.43 25.19
CA PRO E 76 21.51 -14.11 24.89
C PRO E 76 21.33 -13.53 23.49
N SER E 77 20.19 -13.84 22.87
CA SER E 77 19.85 -13.41 21.52
C SER E 77 20.77 -13.99 20.47
N ALA E 78 21.74 -14.81 20.89
CA ALA E 78 22.58 -15.49 19.91
C ALA E 78 21.82 -16.65 19.28
N GLY E 79 22.24 -17.02 18.09
CA GLY E 79 21.57 -18.06 17.34
C GLY E 79 20.75 -17.49 16.20
N PHE E 80 19.85 -18.32 15.68
CA PHE E 80 19.03 -17.85 14.58
C PHE E 80 17.88 -17.00 15.11
N PRO E 81 17.57 -15.89 14.45
CA PRO E 81 16.44 -15.06 14.86
C PRO E 81 15.14 -15.86 14.82
N MET E 82 14.32 -15.70 15.85
CA MET E 82 13.12 -16.50 16.02
C MET E 82 12.06 -16.25 14.94
N ASP E 83 12.24 -15.22 14.12
CA ASP E 83 11.36 -14.97 12.97
C ASP E 83 11.81 -15.69 11.71
N PHE E 84 13.08 -16.06 11.60
CA PHE E 84 13.65 -16.47 10.33
C PHE E 84 13.21 -17.87 9.91
N ASN E 85 13.21 -18.10 8.60
CA ASN E 85 12.93 -19.40 8.00
C ASN E 85 14.28 -20.05 7.70
N VAL E 86 14.68 -20.99 8.56
CA VAL E 86 16.01 -21.58 8.53
C VAL E 86 15.90 -23.06 8.14
N THR E 87 16.74 -23.48 7.19
CA THR E 87 16.85 -24.88 6.79
C THR E 87 18.28 -25.34 7.04
N LEU E 88 18.42 -26.49 7.72
CA LEU E 88 19.71 -27.05 8.09
C LEU E 88 20.00 -28.32 7.30
N ARG E 89 21.29 -28.56 7.03
CA ARG E 89 21.73 -29.81 6.46
C ARG E 89 23.06 -30.22 7.09
N LEU E 90 23.36 -31.51 6.99
CA LEU E 90 24.45 -32.11 7.75
C LEU E 90 25.11 -33.22 6.94
N ARG E 91 26.41 -33.39 7.13
CA ARG E 91 27.15 -34.48 6.51
C ARG E 91 28.38 -34.80 7.35
N ALA E 92 28.83 -36.05 7.25
CA ALA E 92 30.06 -36.50 7.88
C ALA E 92 31.16 -36.62 6.85
N GLU E 93 32.38 -36.22 7.22
CA GLU E 93 33.51 -36.24 6.30
C GLU E 93 34.76 -36.68 7.05
N LEU E 94 35.63 -37.40 6.33
CA LEU E 94 36.92 -37.85 6.84
C LEU E 94 37.98 -37.43 5.82
N GLY E 95 38.48 -36.20 5.95
CA GLY E 95 39.44 -35.66 5.00
C GLY E 95 38.85 -35.43 3.63
N ALA E 96 39.42 -36.08 2.61
CA ALA E 96 38.91 -35.95 1.24
C ALA E 96 37.58 -36.67 1.07
N LEU E 97 37.30 -37.64 1.93
CA LEU E 97 36.06 -38.40 1.90
C LEU E 97 34.93 -37.58 2.51
N HIS E 98 33.76 -37.61 1.89
CA HIS E 98 32.61 -36.93 2.47
C HIS E 98 31.33 -37.69 2.13
N SER E 99 30.33 -37.53 3.00
CA SER E 99 29.05 -38.23 2.87
C SER E 99 28.01 -37.34 2.19
N ALA E 100 26.82 -37.91 1.98
CA ALA E 100 25.72 -37.16 1.41
C ALA E 100 25.16 -36.16 2.42
N TRP E 101 24.45 -35.16 1.90
CA TRP E 101 23.84 -34.14 2.74
C TRP E 101 22.51 -34.64 3.28
N VAL E 102 22.36 -34.66 4.60
CA VAL E 102 21.10 -34.97 5.25
C VAL E 102 20.39 -33.64 5.50
N THR E 103 19.31 -33.39 4.75
CA THR E 103 18.63 -32.09 4.78
C THR E 103 17.41 -32.17 5.69
N MET E 104 17.38 -31.33 6.71
CA MET E 104 16.27 -31.25 7.65
C MET E 104 15.09 -30.49 7.04
N PRO E 105 13.89 -30.66 7.59
CA PRO E 105 12.77 -29.82 7.16
C PRO E 105 12.94 -28.39 7.65
N TRP E 106 12.34 -27.46 6.92
CA TRP E 106 12.41 -26.06 7.29
C TRP E 106 11.67 -25.81 8.60
N PHE E 107 12.14 -24.82 9.36
CA PHE E 107 11.52 -24.49 10.63
C PHE E 107 11.59 -22.98 10.85
N GLN E 108 10.54 -22.44 11.45
CA GLN E 108 10.54 -21.12 12.04
C GLN E 108 10.35 -21.28 13.54
N HIS E 109 11.18 -20.59 14.32
CA HIS E 109 11.25 -20.87 15.75
C HIS E 109 9.90 -20.68 16.43
N TYR E 110 9.22 -19.57 16.16
CA TYR E 110 7.91 -19.35 16.76
C TYR E 110 6.89 -20.40 16.31
N ARG E 111 7.09 -20.99 15.12
CA ARG E 111 6.10 -21.90 14.56
C ARG E 111 6.31 -23.34 15.02
N ASN E 112 7.54 -23.75 15.32
CA ASN E 112 7.85 -25.13 15.63
C ASN E 112 8.31 -25.35 17.06
N VAL E 113 8.34 -24.31 17.88
CA VAL E 113 8.89 -24.42 19.23
C VAL E 113 7.97 -25.27 20.11
N THR E 114 8.58 -25.99 21.04
CA THR E 114 7.85 -26.66 22.11
C THR E 114 7.99 -25.80 23.36
N VAL E 115 6.90 -25.13 23.74
CA VAL E 115 6.95 -24.13 24.81
C VAL E 115 6.83 -24.83 26.16
N GLY E 116 7.68 -24.44 27.10
CA GLY E 116 7.68 -25.01 28.42
C GLY E 116 6.77 -24.26 29.38
N PRO E 117 6.62 -24.77 30.59
CA PRO E 117 5.73 -24.14 31.57
C PRO E 117 6.37 -22.89 32.14
N PRO E 118 5.57 -22.01 32.76
CA PRO E 118 6.15 -20.84 33.42
C PRO E 118 7.05 -21.24 34.57
N GLU E 119 8.15 -20.52 34.72
CA GLU E 119 9.17 -20.81 35.73
C GLU E 119 8.95 -20.01 37.01
N ASN E 120 9.44 -20.57 38.11
CA ASN E 120 9.44 -19.91 39.43
C ASN E 120 8.04 -19.42 39.81
N ILE E 121 7.14 -20.38 39.97
CA ILE E 121 5.76 -20.07 40.32
C ILE E 121 5.67 -19.88 41.83
N GLU E 122 5.11 -18.74 42.25
CA GLU E 122 4.94 -18.42 43.66
C GLU E 122 3.49 -18.02 43.90
N VAL E 123 2.87 -18.64 44.90
CA VAL E 123 1.47 -18.42 45.22
C VAL E 123 1.35 -17.97 46.67
N THR E 124 0.63 -16.86 46.89
CA THR E 124 0.38 -16.33 48.21
C THR E 124 -1.12 -16.20 48.43
N PRO E 125 -1.66 -16.69 49.54
CA PRO E 125 -3.11 -16.68 49.74
C PRO E 125 -3.65 -15.31 50.13
N GLY E 126 -4.89 -15.06 49.73
CA GLY E 126 -5.62 -13.87 50.12
C GLY E 126 -7.03 -14.23 50.56
N GLU E 127 -7.74 -13.20 51.05
CA GLU E 127 -9.12 -13.41 51.49
C GLU E 127 -10.01 -13.82 50.32
N GLY E 128 -10.31 -15.11 50.24
CA GLY E 128 -11.09 -15.63 49.13
C GLY E 128 -10.42 -15.47 47.78
N SER E 129 -9.09 -15.55 47.72
CA SER E 129 -8.37 -15.35 46.48
C SER E 129 -6.96 -15.92 46.62
N LEU E 130 -6.27 -16.02 45.49
CA LEU E 130 -4.89 -16.47 45.44
C LEU E 130 -4.16 -15.65 44.37
N ILE E 131 -3.01 -15.10 44.74
CA ILE E 131 -2.20 -14.31 43.82
C ILE E 131 -1.06 -15.18 43.31
N ILE E 132 -0.86 -15.18 41.98
CA ILE E 132 0.16 -16.01 41.34
C ILE E 132 1.11 -15.08 40.60
N ARG E 133 2.40 -15.20 40.91
CA ARG E 133 3.46 -14.53 40.17
C ARG E 133 4.42 -15.58 39.65
N PHE E 134 4.83 -15.42 38.39
CA PHE E 134 5.66 -16.42 37.73
C PHE E 134 6.54 -15.75 36.68
N SER E 135 7.57 -16.47 36.26
CA SER E 135 8.46 -16.00 35.20
C SER E 135 7.97 -16.52 33.85
N SER E 136 8.35 -15.81 32.80
CA SER E 136 8.00 -16.22 31.45
C SER E 136 8.75 -17.48 31.06
N PRO E 137 8.17 -18.31 30.17
CA PRO E 137 8.89 -19.52 29.73
C PRO E 137 10.24 -19.21 29.11
N PHE E 138 10.34 -18.11 28.36
CA PHE E 138 11.63 -17.62 27.87
C PHE E 138 11.46 -16.16 27.49
N ASP E 139 12.60 -15.47 27.40
CA ASP E 139 12.62 -14.03 27.15
C ASP E 139 12.57 -13.77 25.66
N ILE E 140 11.57 -13.00 25.23
CA ILE E 140 11.39 -12.65 23.82
C ILE E 140 11.93 -11.24 23.59
N ALA E 141 12.70 -11.06 22.52
CA ALA E 141 13.31 -9.77 22.23
C ALA E 141 12.24 -8.74 21.86
N ASP E 142 11.43 -9.04 20.86
CA ASP E 142 10.39 -8.14 20.37
C ASP E 142 9.04 -8.67 20.83
N THR E 143 8.42 -7.97 21.79
CA THR E 143 7.11 -8.40 22.29
C THR E 143 6.01 -8.16 21.26
N SER E 144 6.18 -7.15 20.40
CA SER E 144 5.15 -6.84 19.42
C SER E 144 4.95 -7.97 18.42
N THR E 145 6.03 -8.67 18.05
CA THR E 145 5.89 -9.76 17.09
C THR E 145 5.40 -11.05 17.74
N ALA E 146 5.76 -11.29 19.00
CA ALA E 146 5.32 -12.49 19.69
C ALA E 146 5.28 -12.20 21.19
N PHE E 147 4.28 -12.77 21.87
CA PHE E 147 4.09 -12.57 23.29
C PHE E 147 3.42 -13.81 23.87
N PHE E 148 3.20 -13.79 25.18
CA PHE E 148 2.63 -14.93 25.88
C PHE E 148 1.25 -14.63 26.43
N CYS E 149 0.39 -15.63 26.38
CA CYS E 149 -0.92 -15.61 27.00
C CYS E 149 -0.94 -16.72 28.04
N TYR E 150 -1.24 -16.38 29.29
CA TYR E 150 -1.16 -17.35 30.37
C TYR E 150 -2.54 -17.78 30.82
N TYR E 151 -2.64 -19.05 31.20
CA TYR E 151 -3.88 -19.64 31.67
C TYR E 151 -3.62 -20.31 33.01
N VAL E 152 -4.54 -20.11 33.95
CA VAL E 152 -4.46 -20.72 35.27
C VAL E 152 -5.63 -21.68 35.39
N HIS E 153 -5.32 -22.97 35.56
CA HIS E 153 -6.31 -24.01 35.75
C HIS E 153 -6.46 -24.23 37.25
N TYR E 154 -7.54 -23.71 37.82
CA TYR E 154 -7.79 -23.79 39.25
C TYR E 154 -9.06 -24.58 39.53
N TRP E 155 -9.08 -25.23 40.69
CA TRP E 155 -10.23 -26.03 41.10
C TRP E 155 -10.09 -26.36 42.58
N GLU E 156 -11.23 -26.42 43.25
CA GLU E 156 -11.25 -26.91 44.63
C GLU E 156 -10.91 -28.40 44.64
N LYS E 157 -10.26 -28.84 45.72
CA LYS E 157 -9.90 -30.24 45.86
C LYS E 157 -11.12 -31.14 45.72
N GLY E 158 -11.04 -32.11 44.82
CA GLY E 158 -12.18 -32.95 44.50
C GLY E 158 -13.24 -32.28 43.65
N GLY E 159 -12.96 -31.09 43.11
CA GLY E 159 -13.91 -30.36 42.31
C GLY E 159 -13.63 -30.45 40.81
N ILE E 160 -14.47 -29.78 40.05
CA ILE E 160 -14.38 -29.77 38.60
C ILE E 160 -13.42 -28.66 38.19
N GLN E 161 -12.77 -28.85 37.04
CA GLN E 161 -11.78 -27.91 36.55
C GLN E 161 -12.42 -26.54 36.29
N GLN E 162 -11.63 -25.49 36.52
CA GLN E 162 -11.98 -24.14 36.13
C GLN E 162 -10.75 -23.46 35.57
N VAL E 163 -10.91 -22.72 34.48
CA VAL E 163 -9.79 -22.10 33.77
C VAL E 163 -10.01 -20.60 33.75
N LYS E 164 -9.14 -19.86 34.43
CA LYS E 164 -9.13 -18.39 34.35
C LYS E 164 -8.06 -17.96 33.35
N GLY E 165 -8.43 -17.05 32.46
CA GLY E 165 -7.53 -16.56 31.45
C GLY E 165 -8.22 -16.30 30.13
N PRO E 166 -7.48 -15.77 29.15
CA PRO E 166 -6.03 -15.51 29.24
C PRO E 166 -5.71 -14.11 29.72
N PHE E 167 -4.49 -13.90 30.19
CA PHE E 167 -4.05 -12.59 30.67
C PHE E 167 -2.60 -12.38 30.29
N ARG E 168 -2.27 -11.13 29.95
CA ARG E 168 -0.91 -10.80 29.50
C ARG E 168 0.07 -10.65 30.64
N SER E 169 -0.38 -10.17 31.80
CA SER E 169 0.52 -9.89 32.91
C SER E 169 1.03 -11.18 33.54
N ASN E 170 2.19 -11.08 34.19
CA ASN E 170 2.79 -12.20 34.91
C ASN E 170 2.28 -12.30 36.34
N SER E 171 1.31 -11.49 36.73
CA SER E 171 0.68 -11.57 38.04
C SER E 171 -0.82 -11.47 37.89
N ILE E 172 -1.54 -12.34 38.61
CA ILE E 172 -2.98 -12.43 38.51
C ILE E 172 -3.56 -12.73 39.88
N SER E 173 -4.78 -12.27 40.11
CA SER E 173 -5.50 -12.51 41.37
C SER E 173 -6.70 -13.40 41.08
N LEU E 174 -6.77 -14.54 41.77
CA LEU E 174 -7.87 -15.50 41.62
C LEU E 174 -9.01 -15.11 42.56
N ASP E 175 -9.69 -14.03 42.19
CA ASP E 175 -10.74 -13.48 43.04
C ASP E 175 -11.97 -14.38 43.06
N ASN E 176 -12.86 -14.09 44.01
CA ASN E 176 -14.11 -14.83 44.21
C ASN E 176 -13.85 -16.32 44.39
N LEU E 177 -13.24 -16.64 45.52
CA LEU E 177 -13.02 -18.02 45.95
C LEU E 177 -13.63 -18.22 47.34
N LYS E 178 -13.97 -19.48 47.62
CA LYS E 178 -14.52 -19.82 48.93
C LYS E 178 -13.43 -19.69 49.99
N PRO E 179 -13.62 -18.87 51.02
CA PRO E 179 -12.56 -18.66 52.00
C PRO E 179 -12.34 -19.87 52.88
N SER E 180 -11.09 -20.04 53.32
CA SER E 180 -10.67 -21.16 54.18
C SER E 180 -10.93 -22.50 53.51
N ARG E 181 -10.71 -22.55 52.20
CA ARG E 181 -10.85 -23.78 51.43
C ARG E 181 -9.59 -24.01 50.60
N VAL E 182 -9.30 -25.28 50.34
CA VAL E 182 -8.10 -25.67 49.60
C VAL E 182 -8.40 -25.62 48.11
N TYR E 183 -7.56 -24.93 47.36
CA TYR E 183 -7.64 -24.88 45.90
C TYR E 183 -6.32 -25.32 45.30
N CYS E 184 -6.40 -26.08 44.20
CA CYS E 184 -5.23 -26.53 43.46
C CYS E 184 -5.19 -25.82 42.11
N LEU E 185 -3.98 -25.51 41.64
CA LEU E 185 -3.84 -24.70 40.44
C LEU E 185 -2.74 -25.24 39.54
N GLN E 186 -2.86 -24.92 38.25
CA GLN E 186 -1.84 -25.19 37.25
C GLN E 186 -1.72 -23.97 36.35
N VAL E 187 -0.50 -23.65 35.94
CA VAL E 187 -0.23 -22.52 35.07
C VAL E 187 0.24 -23.05 33.72
N GLN E 188 -0.33 -22.53 32.65
CA GLN E 188 -0.01 -22.96 31.29
C GLN E 188 0.07 -21.74 30.38
N ALA E 189 1.13 -21.65 29.60
CA ALA E 189 1.35 -20.51 28.72
C ALA E 189 0.98 -20.87 27.28
N GLN E 190 0.81 -19.84 26.45
CA GLN E 190 0.44 -20.00 25.05
C GLN E 190 1.15 -18.94 24.24
N LEU E 191 2.04 -19.37 23.35
CA LEU E 191 2.79 -18.44 22.50
C LEU E 191 1.92 -18.04 21.31
N LEU E 192 1.72 -16.74 21.14
CA LEU E 192 0.90 -16.21 20.06
C LEU E 192 1.78 -15.44 19.09
N TRP E 193 1.79 -15.88 17.84
CA TRP E 193 2.51 -15.22 16.76
C TRP E 193 1.47 -14.67 15.80
N ASN E 194 1.45 -13.35 15.62
CA ASN E 194 0.37 -12.73 14.85
C ASN E 194 0.44 -13.16 13.38
N LYS E 195 1.64 -13.41 12.85
CA LYS E 195 1.77 -13.87 11.48
C LYS E 195 1.15 -15.24 11.28
N SER E 196 1.40 -16.17 12.21
CA SER E 196 0.95 -17.55 12.06
C SER E 196 -0.57 -17.67 12.12
N ASN E 197 -1.25 -16.80 12.87
CA ASN E 197 -2.66 -16.93 13.25
C ASN E 197 -3.01 -18.34 13.72
N ILE E 198 -2.00 -19.11 14.13
CA ILE E 198 -2.17 -20.37 14.85
C ILE E 198 -1.34 -20.26 16.12
N PHE E 199 -1.75 -20.98 17.15
CA PHE E 199 -1.16 -20.80 18.47
C PHE E 199 -0.43 -22.06 18.88
N ARG E 200 0.62 -21.88 19.68
CA ARG E 200 1.39 -23.00 20.24
C ARG E 200 0.97 -23.17 21.70
N VAL E 201 0.39 -24.32 22.01
CA VAL E 201 -0.08 -24.59 23.36
C VAL E 201 1.11 -25.06 24.19
N GLY E 202 1.44 -24.30 25.24
CA GLY E 202 2.55 -24.67 26.09
C GLY E 202 2.19 -25.78 27.05
N HIS E 203 3.23 -26.38 27.63
CA HIS E 203 3.04 -27.45 28.59
C HIS E 203 2.65 -26.88 29.95
N LEU E 204 1.86 -27.67 30.69
CA LEU E 204 1.37 -27.24 32.00
C LEU E 204 2.43 -27.47 33.08
N SER E 205 2.37 -26.65 34.12
CA SER E 205 3.27 -26.79 35.25
C SER E 205 2.73 -27.84 36.23
N ASN E 206 3.55 -28.15 37.24
CA ASN E 206 3.14 -29.11 38.26
C ASN E 206 1.98 -28.58 39.08
N ILE E 207 1.16 -29.50 39.59
CA ILE E 207 0.04 -29.13 40.43
C ILE E 207 0.55 -28.69 41.81
N SER E 208 -0.06 -27.65 42.35
CA SER E 208 0.26 -27.18 43.68
C SER E 208 -1.01 -26.62 44.31
N CYS E 209 -1.35 -27.11 45.49
CA CYS E 209 -2.59 -26.74 46.17
C CYS E 209 -2.30 -25.78 47.31
N TYR E 210 -3.18 -24.80 47.50
CA TYR E 210 -3.03 -23.81 48.55
C TYR E 210 -4.40 -23.49 49.13
N GLU E 211 -4.41 -23.05 50.39
CA GLU E 211 -5.63 -22.72 51.12
C GLU E 211 -5.75 -21.20 51.26
N THR E 212 -6.93 -20.67 50.96
CA THR E 212 -7.17 -19.24 51.05
C THR E 212 -7.30 -18.81 52.52
N MET E 213 -7.29 -17.50 52.73
CA MET E 213 -7.40 -16.97 54.08
C MET E 213 -8.85 -16.97 54.56
N ALA E 214 -9.02 -16.63 55.85
CA ALA E 214 -10.34 -16.57 56.48
C ALA E 214 -11.00 -15.21 56.28
N ASP E 215 -10.31 -14.14 56.66
CA ASP E 215 -10.83 -12.79 56.56
C ASP E 215 -9.79 -11.85 55.96
N SER F 3 9.67 36.47 -37.85
CA SER F 3 10.33 37.08 -36.71
C SER F 3 9.44 37.06 -35.48
N GLN F 4 9.17 38.25 -34.94
CA GLN F 4 8.46 38.39 -33.68
C GLN F 4 7.20 39.23 -33.89
N LEU F 5 6.12 38.81 -33.25
CA LEU F 5 4.84 39.49 -33.27
C LEU F 5 4.38 39.81 -31.86
N PRO F 6 3.43 40.73 -31.71
CA PRO F 6 2.85 40.97 -30.39
C PRO F 6 1.99 39.79 -29.96
N ALA F 7 2.14 39.40 -28.69
CA ALA F 7 1.42 38.24 -28.18
C ALA F 7 -0.06 38.55 -28.01
N PRO F 8 -0.92 37.54 -28.11
CA PRO F 8 -2.36 37.76 -27.91
C PRO F 8 -2.67 38.31 -26.53
N GLN F 9 -3.67 39.20 -26.48
CA GLN F 9 -4.00 39.93 -25.26
C GLN F 9 -5.08 39.21 -24.45
N HIS F 10 -4.94 39.29 -23.13
CA HIS F 10 -5.93 38.87 -22.14
C HIS F 10 -6.62 37.57 -22.48
N PRO F 11 -5.95 36.44 -22.43
CA PRO F 11 -6.62 35.17 -22.65
C PRO F 11 -7.39 34.70 -21.42
N LYS F 12 -8.43 33.91 -21.69
CA LYS F 12 -9.32 33.41 -20.66
C LYS F 12 -9.74 31.98 -20.98
N ILE F 13 -9.84 31.15 -19.93
CA ILE F 13 -10.33 29.79 -20.03
C ILE F 13 -11.68 29.73 -19.34
N ARG F 14 -12.73 29.43 -20.11
CA ARG F 14 -14.08 29.36 -19.58
C ARG F 14 -14.35 27.92 -19.17
N LEU F 15 -14.44 27.68 -17.87
CA LEU F 15 -14.76 26.37 -17.30
C LEU F 15 -16.11 26.48 -16.60
N TYR F 16 -17.18 26.49 -17.40
CA TYR F 16 -18.55 26.58 -16.92
C TYR F 16 -19.27 25.28 -17.28
N ASN F 17 -19.80 24.60 -16.27
CA ASN F 17 -20.50 23.31 -16.44
C ASN F 17 -19.54 22.35 -17.16
N ALA F 18 -19.93 21.75 -18.27
CA ALA F 18 -19.05 20.85 -19.02
C ALA F 18 -18.31 21.56 -20.15
N GLU F 19 -18.46 22.87 -20.29
CA GLU F 19 -17.82 23.60 -21.37
C GLU F 19 -16.36 23.88 -21.05
N GLN F 20 -15.53 23.92 -22.09
CA GLN F 20 -14.10 24.23 -21.97
C GLN F 20 -13.71 25.08 -23.17
N VAL F 21 -13.71 26.40 -22.99
CA VAL F 21 -13.47 27.34 -24.09
C VAL F 21 -12.32 28.28 -23.73
N LEU F 22 -11.33 28.33 -24.63
CA LEU F 22 -10.23 29.28 -24.54
C LEU F 22 -10.47 30.43 -25.50
N SER F 23 -10.43 31.65 -24.99
CA SER F 23 -10.67 32.85 -25.77
C SER F 23 -9.53 33.83 -25.53
N TRP F 24 -9.41 34.80 -26.43
CA TRP F 24 -8.39 35.83 -26.32
C TRP F 24 -8.78 36.99 -27.21
N GLU F 25 -8.11 38.10 -26.98
CA GLU F 25 -8.34 39.28 -27.80
C GLU F 25 -7.53 39.18 -29.09
N PRO F 26 -8.08 39.63 -30.21
CA PRO F 26 -7.37 39.52 -31.48
C PRO F 26 -6.12 40.39 -31.52
N VAL F 27 -5.20 40.01 -32.41
CA VAL F 27 -3.95 40.71 -32.65
C VAL F 27 -4.05 41.37 -34.02
N ALA F 28 -3.76 42.67 -34.08
CA ALA F 28 -3.80 43.39 -35.34
C ALA F 28 -2.47 44.06 -35.62
N LEU F 29 -2.23 44.36 -36.90
CA LEU F 29 -1.04 45.08 -37.34
C LEU F 29 -1.45 46.34 -38.10
N SER F 30 -0.52 47.29 -38.18
CA SER F 30 -0.74 48.47 -39.00
C SER F 30 -0.69 48.10 -40.48
N ASN F 31 0.40 47.47 -40.89
CA ASN F 31 0.59 46.99 -42.26
C ASN F 31 0.18 45.51 -42.31
N SER F 32 -1.12 45.29 -42.48
CA SER F 32 -1.73 43.97 -42.51
C SER F 32 -2.27 43.71 -43.91
N THR F 33 -1.72 42.72 -44.58
CA THR F 33 -2.18 42.35 -45.91
C THR F 33 -3.11 41.15 -45.89
N ARG F 34 -2.91 40.23 -44.96
CA ARG F 34 -3.72 39.02 -44.87
C ARG F 34 -3.96 38.70 -43.40
N PRO F 35 -5.03 37.98 -43.09
CA PRO F 35 -5.39 37.74 -41.68
C PRO F 35 -4.35 36.94 -40.91
N VAL F 36 -4.20 37.29 -39.64
CA VAL F 36 -3.35 36.59 -38.70
C VAL F 36 -4.05 35.34 -38.20
N VAL F 37 -3.30 34.24 -38.07
CA VAL F 37 -3.80 33.02 -37.48
C VAL F 37 -3.22 32.85 -36.08
N TYR F 38 -3.76 31.88 -35.35
CA TYR F 38 -3.35 31.57 -33.98
C TYR F 38 -3.13 30.07 -33.83
N GLN F 39 -2.30 29.70 -32.87
CA GLN F 39 -2.04 28.29 -32.56
C GLN F 39 -2.25 28.03 -31.08
N VAL F 40 -3.05 27.02 -30.76
CA VAL F 40 -3.27 26.61 -29.39
C VAL F 40 -2.61 25.26 -29.17
N GLN F 41 -1.99 25.10 -28.01
CA GLN F 41 -1.34 23.85 -27.66
C GLN F 41 -1.70 23.51 -26.21
N PHE F 42 -1.75 22.21 -25.94
CA PHE F 42 -2.07 21.73 -24.61
C PHE F 42 -0.99 20.76 -24.15
N LYS F 43 -0.90 20.61 -22.83
CA LYS F 43 0.10 19.79 -22.18
C LYS F 43 -0.47 19.23 -20.89
N TYR F 44 -0.03 18.02 -20.53
CA TYR F 44 -0.41 17.43 -19.26
C TYR F 44 0.65 17.77 -18.22
N THR F 45 0.58 17.16 -17.03
CA THR F 45 1.40 17.62 -15.92
C THR F 45 2.89 17.49 -16.24
N ASP F 46 3.32 16.33 -16.71
CA ASP F 46 4.72 16.13 -17.11
C ASP F 46 4.65 15.48 -18.49
N SER F 47 4.39 16.32 -19.50
CA SER F 47 4.08 15.85 -20.83
C SER F 47 4.74 16.75 -21.86
N LYS F 48 4.50 16.42 -23.11
CA LYS F 48 4.99 17.19 -24.25
C LYS F 48 3.87 18.10 -24.72
N TRP F 49 4.24 19.22 -25.31
CA TRP F 49 3.22 20.07 -25.90
C TRP F 49 2.68 19.40 -27.16
N PHE F 50 1.37 19.37 -27.27
CA PHE F 50 0.68 18.84 -28.44
C PHE F 50 0.00 19.99 -29.15
N THR F 51 -0.04 19.91 -30.47
CA THR F 51 -0.82 20.88 -31.23
C THR F 51 -2.29 20.52 -31.07
N ALA F 52 -3.13 21.54 -30.90
CA ALA F 52 -4.56 21.31 -30.72
C ALA F 52 -5.16 21.14 -32.11
N ASP F 53 -5.12 19.91 -32.61
CA ASP F 53 -5.60 19.59 -33.94
C ASP F 53 -6.61 18.46 -33.83
N ILE F 54 -7.40 18.29 -34.89
CA ILE F 54 -8.49 17.30 -34.87
C ILE F 54 -7.99 15.93 -34.45
N MET F 55 -6.73 15.59 -34.78
CA MET F 55 -6.18 14.30 -34.40
C MET F 55 -5.92 14.23 -32.90
N SER F 56 -5.30 15.28 -32.34
CA SER F 56 -4.91 15.25 -30.94
C SER F 56 -6.11 15.35 -30.01
N ILE F 57 -6.96 16.38 -30.19
CA ILE F 57 -8.03 16.68 -29.25
C ILE F 57 -9.41 16.74 -29.90
N GLY F 58 -9.51 16.51 -31.21
CA GLY F 58 -10.81 16.46 -31.86
C GLY F 58 -11.37 17.80 -32.29
N VAL F 59 -10.62 18.88 -32.13
CA VAL F 59 -11.00 20.18 -32.65
C VAL F 59 -9.76 20.81 -33.27
N ASN F 60 -9.97 21.65 -34.27
CA ASN F 60 -8.88 22.23 -35.05
C ASN F 60 -8.67 23.65 -34.53
N CYS F 61 -7.62 23.82 -33.72
CA CYS F 61 -7.28 25.09 -33.11
C CYS F 61 -5.86 25.50 -33.47
N THR F 62 -5.36 25.02 -34.59
CA THR F 62 -4.05 25.40 -35.09
C THR F 62 -4.22 26.08 -36.45
N GLN F 63 -3.46 27.17 -36.64
CA GLN F 63 -3.56 28.00 -37.84
C GLN F 63 -4.98 28.49 -38.07
N ILE F 64 -5.65 28.91 -37.00
CA ILE F 64 -7.06 29.30 -37.05
C ILE F 64 -7.19 30.82 -36.95
N THR F 65 -8.17 31.35 -37.69
CA THR F 65 -8.41 32.79 -37.73
C THR F 65 -9.21 33.28 -36.54
N ALA F 66 -9.99 32.39 -35.92
CA ALA F 66 -10.87 32.75 -34.82
C ALA F 66 -10.08 33.15 -33.57
N THR F 67 -10.73 33.96 -32.73
CA THR F 67 -10.16 34.41 -31.46
C THR F 67 -10.66 33.58 -30.29
N GLU F 68 -11.03 32.33 -30.55
CA GLU F 68 -11.48 31.42 -29.51
C GLU F 68 -11.28 29.99 -29.98
N CYS F 69 -11.32 29.05 -29.02
CA CYS F 69 -11.14 27.64 -29.31
C CYS F 69 -11.99 26.83 -28.33
N ASP F 70 -13.01 26.13 -28.85
CA ASP F 70 -14.02 25.42 -28.07
C ASP F 70 -13.74 23.92 -28.12
N PHE F 71 -13.24 23.38 -27.01
CA PHE F 71 -12.85 21.97 -26.98
C PHE F 71 -14.04 21.03 -26.85
N THR F 72 -15.12 21.49 -26.24
CA THR F 72 -16.26 20.65 -25.90
C THR F 72 -17.41 20.80 -26.89
N ALA F 73 -17.21 21.56 -27.96
CA ALA F 73 -18.27 21.81 -28.93
C ALA F 73 -18.48 20.63 -29.88
N ALA F 74 -17.41 19.89 -30.18
CA ALA F 74 -17.44 18.96 -31.30
C ALA F 74 -18.49 17.88 -31.10
N SER F 75 -18.47 17.20 -29.96
CA SER F 75 -19.33 16.06 -29.73
C SER F 75 -19.40 15.83 -28.23
N PRO F 76 -20.40 15.06 -27.76
CA PRO F 76 -20.42 14.70 -26.33
C PRO F 76 -19.18 13.91 -25.95
N SER F 77 -18.77 14.09 -24.70
CA SER F 77 -17.56 13.50 -24.11
C SER F 77 -16.28 14.06 -24.71
N ALA F 78 -16.36 15.01 -25.65
CA ALA F 78 -15.16 15.65 -26.18
C ALA F 78 -14.60 16.64 -25.18
N GLY F 79 -13.32 16.93 -25.36
CA GLY F 79 -12.60 17.85 -24.51
C GLY F 79 -11.65 17.13 -23.57
N PHE F 80 -11.11 17.90 -22.64
CA PHE F 80 -10.13 17.37 -21.70
C PHE F 80 -10.83 16.63 -20.56
N PRO F 81 -10.32 15.46 -20.16
CA PRO F 81 -10.93 14.74 -19.04
C PRO F 81 -10.91 15.59 -17.77
N MET F 82 -12.04 15.61 -17.07
CA MET F 82 -12.19 16.51 -15.94
C MET F 82 -11.29 16.15 -14.77
N ASP F 83 -10.62 15.00 -14.82
CA ASP F 83 -9.60 14.65 -13.83
C ASP F 83 -8.23 15.22 -14.17
N PHE F 84 -7.99 15.52 -15.45
CA PHE F 84 -6.64 15.77 -15.93
C PHE F 84 -6.12 17.15 -15.52
N ASN F 85 -4.81 17.26 -15.41
CA ASN F 85 -4.09 18.51 -15.14
C ASN F 85 -3.64 19.04 -16.49
N VAL F 86 -4.37 20.03 -17.01
CA VAL F 86 -4.20 20.50 -18.38
C VAL F 86 -3.63 21.91 -18.36
N THR F 87 -2.59 22.14 -19.15
CA THR F 87 -2.01 23.46 -19.33
C THR F 87 -2.10 23.85 -20.79
N LEU F 88 -2.64 25.03 -21.06
CA LEU F 88 -2.78 25.50 -22.43
C LEU F 88 -1.83 26.67 -22.69
N ARG F 89 -1.38 26.77 -23.93
CA ARG F 89 -0.61 27.93 -24.35
C ARG F 89 -1.08 28.35 -25.74
N LEU F 90 -0.75 29.59 -26.07
CA LEU F 90 -1.32 30.27 -27.22
C LEU F 90 -0.29 31.21 -27.82
N ARG F 91 -0.34 31.37 -29.14
CA ARG F 91 0.51 32.32 -29.83
C ARG F 91 -0.15 32.71 -31.15
N ALA F 92 0.19 33.91 -31.62
CA ALA F 92 -0.24 34.41 -32.91
C ALA F 92 0.91 34.31 -33.91
N GLU F 93 0.59 33.92 -35.14
CA GLU F 93 1.62 33.78 -36.16
C GLU F 93 1.11 34.29 -37.50
N LEU F 94 2.02 34.88 -38.28
CA LEU F 94 1.73 35.35 -39.63
C LEU F 94 2.84 34.81 -40.53
N GLY F 95 2.65 33.58 -41.01
CA GLY F 95 3.67 32.94 -41.81
C GLY F 95 4.91 32.66 -41.00
N ALA F 96 6.05 33.22 -41.43
CA ALA F 96 7.29 33.02 -40.70
C ALA F 96 7.30 33.79 -39.39
N LEU F 97 6.56 34.90 -39.31
CA LEU F 97 6.48 35.67 -38.07
C LEU F 97 5.49 35.04 -37.11
N HIS F 98 5.87 35.01 -35.83
CA HIS F 98 4.98 34.53 -34.77
C HIS F 98 5.29 35.28 -33.48
N SER F 99 4.33 35.29 -32.57
CA SER F 99 4.49 36.00 -31.30
C SER F 99 4.98 35.05 -30.22
N ALA F 100 5.16 35.58 -29.01
CA ALA F 100 5.58 34.74 -27.90
C ALA F 100 4.44 33.82 -27.47
N TRP F 101 4.79 32.78 -26.74
CA TRP F 101 3.79 31.86 -26.21
C TRP F 101 3.15 32.48 -24.99
N VAL F 102 1.83 32.65 -25.03
CA VAL F 102 1.05 33.06 -23.87
C VAL F 102 0.58 31.79 -23.19
N THR F 103 1.13 31.50 -22.02
CA THR F 103 0.85 30.25 -21.33
C THR F 103 -0.17 30.49 -20.22
N MET F 104 -1.28 29.78 -20.30
CA MET F 104 -2.34 29.88 -19.32
C MET F 104 -1.92 29.16 -18.04
N PRO F 105 -2.62 29.43 -16.93
CA PRO F 105 -2.40 28.63 -15.73
C PRO F 105 -2.99 27.24 -15.88
N TRP F 106 -2.40 26.28 -15.16
CA TRP F 106 -2.88 24.91 -15.20
C TRP F 106 -4.25 24.82 -14.55
N PHE F 107 -5.05 23.87 -15.02
CA PHE F 107 -6.39 23.69 -14.47
C PHE F 107 -6.74 22.21 -14.46
N GLN F 108 -7.48 21.81 -13.43
CA GLN F 108 -8.22 20.56 -13.39
C GLN F 108 -9.69 20.94 -13.39
N HIS F 109 -10.47 20.32 -14.28
CA HIS F 109 -11.83 20.79 -14.51
C HIS F 109 -12.67 20.73 -13.24
N TYR F 110 -12.60 19.60 -12.53
CA TYR F 110 -13.35 19.49 -11.28
C TYR F 110 -12.90 20.54 -10.27
N ARG F 111 -11.64 20.99 -10.36
CA ARG F 111 -11.08 21.94 -9.41
C ARG F 111 -11.34 23.39 -9.76
N ASN F 112 -11.46 23.71 -11.04
CA ASN F 112 -11.57 25.10 -11.50
C ASN F 112 -12.91 25.44 -12.10
N VAL F 113 -13.85 24.49 -12.18
CA VAL F 113 -15.12 24.76 -12.83
C VAL F 113 -15.93 25.71 -11.97
N THR F 114 -16.73 26.55 -12.64
CA THR F 114 -17.76 27.33 -11.97
C THR F 114 -19.09 26.64 -12.30
N VAL F 115 -19.69 26.03 -11.27
CA VAL F 115 -20.86 25.17 -11.47
C VAL F 115 -22.11 26.02 -11.55
N GLY F 116 -22.96 25.73 -12.53
CA GLY F 116 -24.19 26.44 -12.75
C GLY F 116 -25.35 25.88 -11.96
N PRO F 117 -26.51 26.54 -12.06
CA PRO F 117 -27.67 26.11 -11.31
C PRO F 117 -28.26 24.84 -11.89
N PRO F 118 -29.09 24.12 -11.13
CA PRO F 118 -29.76 22.96 -11.69
C PRO F 118 -30.69 23.37 -12.82
N GLU F 119 -30.74 22.53 -13.85
CA GLU F 119 -31.53 22.81 -15.04
C GLU F 119 -32.92 22.18 -14.93
N ASN F 120 -33.88 22.78 -15.63
CA ASN F 120 -35.23 22.24 -15.76
C ASN F 120 -35.85 21.93 -14.40
N ILE F 121 -36.02 22.97 -13.60
CA ILE F 121 -36.59 22.83 -12.27
C ILE F 121 -38.12 22.82 -12.38
N GLU F 122 -38.75 21.78 -11.82
CA GLU F 122 -40.18 21.66 -11.82
C GLU F 122 -40.65 21.43 -10.38
N VAL F 123 -41.64 22.22 -9.95
CA VAL F 123 -42.14 22.17 -8.59
C VAL F 123 -43.63 21.86 -8.63
N THR F 124 -44.04 20.83 -7.89
CA THR F 124 -45.43 20.45 -7.79
C THR F 124 -45.83 20.43 -6.32
N PRO F 125 -46.95 21.05 -5.96
CA PRO F 125 -47.32 21.13 -4.54
C PRO F 125 -47.87 19.82 -4.01
N GLY F 126 -47.68 19.62 -2.69
CA GLY F 126 -48.22 18.47 -2.00
C GLY F 126 -48.85 18.89 -0.68
N GLU F 127 -49.46 17.91 -0.01
CA GLU F 127 -50.13 18.14 1.27
C GLU F 127 -49.13 18.62 2.32
N GLY F 128 -49.12 19.92 2.58
CA GLY F 128 -48.12 20.48 3.48
C GLY F 128 -46.71 20.27 3.01
N SER F 129 -46.48 20.29 1.70
CA SER F 129 -45.15 19.97 1.16
C SER F 129 -45.03 20.50 -0.27
N LEU F 130 -43.82 20.42 -0.80
CA LEU F 130 -43.53 20.77 -2.18
C LEU F 130 -42.55 19.76 -2.75
N ILE F 131 -42.85 19.25 -3.94
CA ILE F 131 -42.00 18.28 -4.61
C ILE F 131 -41.14 19.00 -5.64
N ILE F 132 -39.83 18.76 -5.59
CA ILE F 132 -38.89 19.42 -6.47
C ILE F 132 -38.18 18.33 -7.28
N ARG F 133 -38.26 18.44 -8.60
CA ARG F 133 -37.47 17.63 -9.51
C ARG F 133 -36.68 18.54 -10.43
N PHE F 134 -35.41 18.21 -10.65
CA PHE F 134 -34.54 19.05 -11.47
C PHE F 134 -33.46 18.17 -12.12
N SER F 135 -32.84 18.72 -13.16
CA SER F 135 -31.75 18.05 -13.83
C SER F 135 -30.42 18.48 -13.23
N SER F 136 -29.41 17.63 -13.39
CA SER F 136 -28.08 17.94 -12.88
C SER F 136 -27.46 19.08 -13.70
N PRO F 137 -26.59 19.88 -13.07
CA PRO F 137 -25.95 20.98 -13.81
C PRO F 137 -25.21 20.54 -15.05
N PHE F 138 -24.58 19.37 -15.02
CA PHE F 138 -24.01 18.74 -16.21
C PHE F 138 -23.85 17.25 -15.92
N ASP F 139 -23.67 16.47 -16.99
CA ASP F 139 -23.60 15.02 -16.88
C ASP F 139 -22.18 14.62 -16.57
N ILE F 140 -21.98 13.91 -15.44
CA ILE F 140 -20.66 13.47 -15.02
C ILE F 140 -20.48 12.00 -15.39
N ALA F 141 -19.33 11.68 -15.99
CA ALA F 141 -19.09 10.31 -16.43
C ALA F 141 -19.00 9.36 -15.24
N ASP F 142 -18.08 9.65 -14.32
CA ASP F 142 -17.85 8.81 -13.15
C ASP F 142 -18.41 9.52 -11.92
N THR F 143 -19.53 9.02 -11.41
CA THR F 143 -20.16 9.61 -10.23
C THR F 143 -19.36 9.33 -8.97
N SER F 144 -18.64 8.21 -8.93
CA SER F 144 -17.83 7.86 -7.76
C SER F 144 -16.71 8.86 -7.53
N THR F 145 -16.15 9.41 -8.62
CA THR F 145 -15.05 10.36 -8.51
C THR F 145 -15.55 11.77 -8.16
N ALA F 146 -16.70 12.18 -8.69
CA ALA F 146 -17.25 13.49 -8.43
C ALA F 146 -18.76 13.43 -8.56
N PHE F 147 -19.46 14.17 -7.71
CA PHE F 147 -20.92 14.15 -7.68
C PHE F 147 -21.43 15.50 -7.20
N PHE F 148 -22.76 15.63 -7.16
CA PHE F 148 -23.43 16.86 -6.77
C PHE F 148 -24.17 16.69 -5.46
N CYS F 149 -24.14 17.73 -4.66
CA CYS F 149 -24.93 17.83 -3.45
C CYS F 149 -25.83 19.04 -3.64
N TYR F 150 -27.13 18.85 -3.48
CA TYR F 150 -28.10 19.91 -3.77
C TYR F 150 -28.62 20.52 -2.48
N TYR F 151 -28.83 21.83 -2.54
CA TYR F 151 -29.34 22.61 -1.43
C TYR F 151 -30.55 23.38 -1.93
N VAL F 152 -31.61 23.38 -1.13
CA VAL F 152 -32.83 24.11 -1.45
C VAL F 152 -33.01 25.21 -0.42
N HIS F 153 -33.01 26.46 -0.89
CA HIS F 153 -33.24 27.63 -0.04
C HIS F 153 -34.70 28.00 -0.18
N TYR F 154 -35.51 27.68 0.83
CA TYR F 154 -36.94 27.91 0.81
C TYR F 154 -37.33 28.83 1.95
N TRP F 155 -38.44 29.55 1.77
CA TRP F 155 -38.93 30.41 2.84
C TRP F 155 -40.36 30.81 2.52
N GLU F 156 -41.16 30.93 3.57
CA GLU F 156 -42.50 31.49 3.45
C GLU F 156 -42.40 32.96 3.07
N LYS F 157 -43.41 33.43 2.33
CA LYS F 157 -43.46 34.85 1.97
C LYS F 157 -43.38 35.71 3.21
N GLY F 158 -42.40 36.63 3.23
CA GLY F 158 -42.17 37.42 4.41
C GLY F 158 -41.49 36.69 5.55
N GLY F 159 -40.99 35.48 5.32
CA GLY F 159 -40.32 34.71 6.34
C GLY F 159 -38.80 34.70 6.17
N ILE F 160 -38.15 34.02 7.11
CA ILE F 160 -36.70 33.89 7.14
C ILE F 160 -36.27 32.67 6.33
N GLN F 161 -35.06 32.73 5.78
CA GLN F 161 -34.53 31.66 4.97
C GLN F 161 -34.40 30.37 5.77
N GLN F 162 -34.57 29.24 5.07
CA GLN F 162 -34.23 27.91 5.57
C GLN F 162 -33.64 27.11 4.44
N VAL F 163 -32.59 26.34 4.74
CA VAL F 163 -31.85 25.59 3.73
C VAL F 163 -31.96 24.11 4.06
N LYS F 164 -32.61 23.36 3.18
CA LYS F 164 -32.68 21.91 3.30
C LYS F 164 -31.58 21.29 2.45
N GLY F 165 -30.84 20.36 3.03
CA GLY F 165 -29.75 19.73 2.34
C GLY F 165 -28.58 19.45 3.25
N PRO F 166 -27.55 18.78 2.72
CA PRO F 166 -27.57 18.43 1.28
C PRO F 166 -28.18 17.06 1.03
N PHE F 167 -28.56 16.80 -0.23
CA PHE F 167 -29.13 15.53 -0.64
C PHE F 167 -28.61 15.19 -2.03
N ARG F 168 -28.38 13.90 -2.26
CA ARG F 168 -27.78 13.43 -3.50
C ARG F 168 -28.80 13.30 -4.63
N SER F 169 -30.05 12.99 -4.31
CA SER F 169 -31.07 12.73 -5.31
C SER F 169 -31.45 14.00 -6.06
N ASN F 170 -31.94 13.82 -7.29
CA ASN F 170 -32.44 14.90 -8.12
C ASN F 170 -33.91 15.20 -7.86
N SER F 171 -34.52 14.54 -6.88
CA SER F 171 -35.88 14.81 -6.45
C SER F 171 -35.92 14.83 -4.94
N ILE F 172 -36.62 15.80 -4.38
CA ILE F 172 -36.68 16.00 -2.94
C ILE F 172 -38.09 16.44 -2.57
N SER F 173 -38.50 16.13 -1.34
CA SER F 173 -39.80 16.52 -0.83
C SER F 173 -39.62 17.51 0.31
N LEU F 174 -40.20 18.70 0.16
CA LEU F 174 -40.15 19.71 1.22
C LEU F 174 -41.30 19.50 2.19
N ASP F 175 -41.17 18.42 2.97
CA ASP F 175 -42.23 18.05 3.90
C ASP F 175 -42.28 19.03 5.08
N ASN F 176 -43.35 18.92 5.86
CA ASN F 176 -43.60 19.77 7.03
C ASN F 176 -43.56 21.24 6.65
N LEU F 177 -44.58 21.63 5.88
CA LEU F 177 -44.82 23.01 5.51
C LEU F 177 -46.23 23.41 5.90
N LYS F 178 -46.43 24.70 6.10
CA LYS F 178 -47.76 25.22 6.41
C LYS F 178 -48.64 25.07 5.18
N PRO F 179 -49.76 24.37 5.27
CA PRO F 179 -50.60 24.14 4.09
C PRO F 179 -51.34 25.41 3.67
N SER F 180 -51.56 25.51 2.35
CA SER F 180 -52.25 26.66 1.74
C SER F 180 -51.50 27.96 2.01
N ARG F 181 -50.17 27.90 2.00
CA ARG F 181 -49.32 29.06 2.17
C ARG F 181 -48.29 29.09 1.06
N VAL F 182 -47.87 30.29 0.68
CA VAL F 182 -46.92 30.48 -0.42
C VAL F 182 -45.50 30.37 0.12
N TYR F 183 -44.67 29.58 -0.55
CA TYR F 183 -43.26 29.45 -0.23
C TYR F 183 -42.44 29.77 -1.47
N CYS F 184 -41.32 30.46 -1.28
CA CYS F 184 -40.40 30.76 -2.36
C CYS F 184 -39.15 29.92 -2.16
N LEU F 185 -38.55 29.47 -3.27
CA LEU F 185 -37.44 28.54 -3.18
C LEU F 185 -36.37 28.90 -4.21
N GLN F 186 -35.15 28.45 -3.91
CA GLN F 186 -34.00 28.50 -4.79
C GLN F 186 -33.25 27.19 -4.66
N VAL F 187 -32.73 26.69 -5.77
CA VAL F 187 -31.97 25.44 -5.78
C VAL F 187 -30.52 25.77 -6.12
N GLN F 188 -29.60 25.19 -5.37
CA GLN F 188 -28.18 25.45 -5.55
C GLN F 188 -27.42 24.14 -5.39
N ALA F 189 -26.49 23.87 -6.30
CA ALA F 189 -25.72 22.63 -6.28
C ALA F 189 -24.32 22.85 -5.72
N GLN F 190 -23.67 21.75 -5.35
CA GLN F 190 -22.32 21.79 -4.77
C GLN F 190 -21.54 20.60 -5.32
N LEU F 191 -20.50 20.86 -6.11
CA LEU F 191 -19.69 19.80 -6.70
C LEU F 191 -18.60 19.35 -5.72
N LEU F 192 -18.58 18.06 -5.42
CA LEU F 192 -17.62 17.47 -4.50
C LEU F 192 -16.70 16.52 -5.25
N TRP F 193 -15.41 16.76 -5.14
CA TRP F 193 -14.37 15.92 -5.72
C TRP F 193 -13.61 15.28 -4.57
N ASN F 194 -13.65 13.95 -4.50
CA ASN F 194 -13.10 13.27 -3.32
C ASN F 194 -11.59 13.40 -3.23
N LYS F 195 -10.89 13.49 -4.37
CA LYS F 195 -9.44 13.67 -4.34
C LYS F 195 -9.06 15.01 -3.73
N SER F 196 -9.71 16.09 -4.19
CA SER F 196 -9.40 17.43 -3.69
C SER F 196 -9.86 17.63 -2.25
N ASN F 197 -10.94 16.94 -1.85
CA ASN F 197 -11.68 17.22 -0.62
C ASN F 197 -11.96 18.72 -0.45
N ILE F 198 -11.96 19.45 -1.56
CA ILE F 198 -12.44 20.82 -1.62
C ILE F 198 -13.54 20.87 -2.68
N PHE F 199 -14.47 21.79 -2.48
CA PHE F 199 -15.75 21.81 -3.18
C PHE F 199 -15.91 23.07 -4.02
N ARG F 200 -16.69 22.93 -5.09
CA ARG F 200 -17.09 24.05 -5.94
C ARG F 200 -18.53 24.42 -5.61
N VAL F 201 -18.74 25.65 -5.14
CA VAL F 201 -20.08 26.12 -4.79
C VAL F 201 -20.79 26.55 -6.06
N GLY F 202 -21.91 25.90 -6.37
CA GLY F 202 -22.63 26.23 -7.57
C GLY F 202 -23.45 27.50 -7.43
N HIS F 203 -23.87 28.02 -8.58
CA HIS F 203 -24.71 29.21 -8.60
C HIS F 203 -26.15 28.85 -8.33
N LEU F 204 -26.88 29.78 -7.71
CA LEU F 204 -28.29 29.56 -7.39
C LEU F 204 -29.18 29.82 -8.59
N SER F 205 -30.33 29.14 -8.61
CA SER F 205 -31.33 29.34 -9.63
C SER F 205 -32.21 30.54 -9.28
N ASN F 206 -33.07 30.92 -10.23
CA ASN F 206 -33.98 32.03 -9.98
C ASN F 206 -34.96 31.69 -8.87
N ILE F 207 -35.41 32.72 -8.16
CA ILE F 207 -36.42 32.52 -7.14
C ILE F 207 -37.76 32.28 -7.82
N SER F 208 -38.51 31.31 -7.29
CA SER F 208 -39.85 31.03 -7.80
C SER F 208 -40.71 30.60 -6.63
N CYS F 209 -41.87 31.24 -6.50
CA CYS F 209 -42.75 31.01 -5.36
C CYS F 209 -43.93 30.13 -5.77
N TYR F 210 -44.32 29.25 -4.85
CA TYR F 210 -45.42 28.32 -5.07
C TYR F 210 -46.22 28.18 -3.79
N GLU F 211 -47.50 27.83 -3.93
CA GLU F 211 -48.39 27.67 -2.79
C GLU F 211 -48.66 26.20 -2.55
N THR F 212 -48.58 25.79 -1.28
CA THR F 212 -48.79 24.40 -0.92
C THR F 212 -50.26 24.01 -1.04
N MET F 213 -50.51 22.72 -0.88
CA MET F 213 -51.86 22.19 -1.00
C MET F 213 -52.67 22.54 0.25
N ALA F 214 -53.93 22.11 0.26
CA ALA F 214 -54.84 22.49 1.34
C ALA F 214 -54.60 21.66 2.60
N ASP F 215 -54.57 20.35 2.48
CA ASP F 215 -54.34 19.52 3.66
C ASP F 215 -53.31 18.43 3.34
#